data_4C6X
#
_entry.id   4C6X
#
_cell.length_a   74.298
_cell.length_b   89.323
_cell.length_c   183.005
_cell.angle_alpha   90.00
_cell.angle_beta   90.00
_cell.angle_gamma   90.00
#
_symmetry.space_group_name_H-M   'P 21 21 21'
#
loop_
_entity.id
_entity.type
_entity.pdbx_description
1 polymer '3-OXOACYL-[ACYL-CARRIER-PROTEIN] SYNTHASE 1'
2 non-polymer 1,2-ETHANEDIOL
3 non-polymer 'POTASSIUM ION'
4 non-polymer THIOLACTOMYCIN
5 non-polymer '(2R)-2-(hexadecanoyloxy)-3-{[(10R)-10-methyloctadecanoyl]oxy}propyl phosphate'
6 non-polymer '4-(2-HYDROXYETHYL)-1-PIPERAZINE ETHANESULFONIC ACID'
7 water water
#
_entity_poly.entity_id   1
_entity_poly.type   'polypeptide(L)'
_entity_poly.pdbx_seq_one_letter_code
;MGSSHHHHHHSSGLVPRGSHMASMSQPSTANGGFPSVVVTAVTATTSISPDIESTWKGLLAGESGIHALEDEFVTKWDLA
VKIGGHLKDPVDSHMGRLDMRRMSYVQRMGKLLGGQLWESAGSPEVDPDRFAVVVGTGLGGAERIVESYDLMNAGGPRKV
SPLAVQMIMPNGAAAVIGLQLGARAGVMTPVSAQSSGSEAIAHAWRQIVMGDADVAVCGGVEGPIEALPIAAFSMMRAMS
TRNDEPERASRPFDKDRDGFVFGEAGALMLIETEEHAKARGAKPLARLLGAGITSDAFHMVAPAADGVRAGRAMTRSLEL
AGLSPADIDHVNAHGTATPIGDAAEANAIRVAGCDQAAVYAPKSALGHSIGAVGALESVLTVLTLRDGVIPPTLNYETPD
PEIDLDVVAGEPRYGDYRYAVNNSFGFGGHNVALAFGRY
;
_entity_poly.pdbx_strand_id   A,B
#
loop_
_chem_comp.id
_chem_comp.type
_chem_comp.name
_chem_comp.formula
EDO non-polymer 1,2-ETHANEDIOL 'C2 H6 O2'
EPE non-polymer '4-(2-HYDROXYETHYL)-1-PIPERAZINE ETHANESULFONIC ACID' 'C8 H18 N2 O4 S'
K non-polymer 'POTASSIUM ION' 'K 1'
M7U non-polymer '(2R)-2-(hexadecanoyloxy)-3-{[(10R)-10-methyloctadecanoyl]oxy}propyl phosphate' 'C38 H75 O8 P'
TLM non-polymer THIOLACTOMYCIN 'C11 H14 O2 S'
#
# COMPACT_ATOMS: atom_id res chain seq x y z
N SER A 25 12.75 29.28 2.50
CA SER A 25 11.48 29.02 1.73
C SER A 25 11.38 27.60 1.15
N GLN A 26 10.20 27.26 0.65
CA GLN A 26 9.81 25.87 0.41
C GLN A 26 10.53 25.21 -0.78
N PRO A 27 11.13 24.02 -0.57
CA PRO A 27 11.65 23.32 -1.75
C PRO A 27 10.59 22.99 -2.83
N SER A 28 10.96 23.28 -4.08
CA SER A 28 10.19 22.91 -5.25
C SER A 28 11.15 22.37 -6.33
N THR A 29 10.60 21.78 -7.37
CA THR A 29 11.46 21.33 -8.44
C THR A 29 12.06 22.53 -9.16
N ALA A 30 11.22 23.54 -9.41
CA ALA A 30 11.62 24.75 -10.12
C ALA A 30 12.72 25.50 -9.40
N ASN A 31 12.70 25.57 -8.07
CA ASN A 31 13.77 26.26 -7.36
C ASN A 31 14.97 25.38 -6.97
N GLY A 32 14.98 24.12 -7.37
CA GLY A 32 16.19 23.32 -7.24
C GLY A 32 16.20 22.66 -5.88
N GLY A 33 15.14 22.85 -5.09
CA GLY A 33 15.13 22.26 -3.75
C GLY A 33 14.80 20.77 -3.80
N PHE A 34 14.20 20.31 -4.90
CA PHE A 34 14.16 18.87 -5.17
C PHE A 34 15.03 18.54 -6.38
N PRO A 35 15.63 17.34 -6.44
CA PRO A 35 16.34 17.11 -7.70
C PRO A 35 15.37 16.88 -8.87
N SER A 36 15.83 17.18 -10.09
CA SER A 36 15.09 16.95 -11.31
C SER A 36 14.95 15.46 -11.57
N VAL A 37 13.74 15.06 -11.92
CA VAL A 37 13.37 13.66 -12.05
C VAL A 37 12.72 13.49 -13.43
N VAL A 38 13.19 12.54 -14.22
CA VAL A 38 12.73 12.40 -15.60
C VAL A 38 12.15 11.00 -15.81
N VAL A 39 11.21 10.89 -16.76
CA VAL A 39 10.67 9.60 -17.22
C VAL A 39 11.50 9.15 -18.42
N THR A 40 12.07 7.94 -18.37
CA THR A 40 13.02 7.52 -19.39
C THR A 40 12.53 6.28 -20.15
N ALA A 41 11.43 5.66 -19.73
CA ALA A 41 10.87 4.51 -20.45
C ALA A 41 9.43 4.26 -19.96
N VAL A 42 8.55 3.76 -20.81
CA VAL A 42 7.19 3.44 -20.41
C VAL A 42 6.85 2.11 -21.06
N THR A 43 5.91 1.37 -20.48
CA THR A 43 5.42 0.13 -21.05
CA THR A 43 5.42 0.13 -21.05
C THR A 43 3.97 -0.02 -20.58
N ALA A 44 3.11 -0.61 -21.41
CA ALA A 44 1.74 -0.89 -20.98
C ALA A 44 1.13 -1.96 -21.88
N THR A 45 0.19 -2.68 -21.28
CA THR A 45 -0.61 -3.56 -22.07
C THR A 45 -2.07 -3.14 -21.91
N THR A 46 -2.80 -3.05 -23.01
CA THR A 46 -4.17 -2.52 -22.96
C THR A 46 -5.16 -3.33 -23.80
N SER A 47 -6.44 -2.95 -23.71
CA SER A 47 -7.47 -3.55 -24.58
C SER A 47 -7.26 -3.17 -26.05
N ILE A 48 -6.48 -2.13 -26.33
CA ILE A 48 -6.12 -1.82 -27.74
C ILE A 48 -4.88 -2.55 -28.27
N SER A 49 -3.83 -2.68 -27.47
CA SER A 49 -2.64 -3.32 -28.01
C SER A 49 -1.75 -3.74 -26.85
N PRO A 50 -0.85 -4.73 -27.06
CA PRO A 50 0.14 -4.95 -26.01
C PRO A 50 1.31 -3.98 -26.02
N ASP A 51 1.38 -3.10 -27.02
CA ASP A 51 2.54 -2.23 -27.29
CA ASP A 51 2.55 -2.23 -27.22
C ASP A 51 2.02 -0.83 -26.97
N ILE A 52 2.57 -0.13 -25.97
CA ILE A 52 2.13 1.23 -25.66
C ILE A 52 2.18 2.20 -26.86
N GLU A 53 3.21 2.13 -27.70
CA GLU A 53 3.27 2.99 -28.89
C GLU A 53 2.09 2.74 -29.86
N SER A 54 1.72 1.47 -30.06
CA SER A 54 0.54 1.11 -30.89
C SER A 54 -0.78 1.45 -30.21
N THR A 55 -0.82 1.34 -28.88
CA THR A 55 -2.00 1.85 -28.16
C THR A 55 -2.17 3.36 -28.41
N TRP A 56 -1.04 4.06 -28.37
CA TRP A 56 -1.06 5.50 -28.55
C TRP A 56 -1.51 5.90 -29.94
N LYS A 57 -0.96 5.27 -30.98
CA LYS A 57 -1.45 5.50 -32.33
C LYS A 57 -2.95 5.18 -32.49
N GLY A 58 -3.40 4.09 -31.89
CA GLY A 58 -4.83 3.75 -31.98
C GLY A 58 -5.71 4.81 -31.30
N LEU A 59 -5.29 5.27 -30.12
CA LEU A 59 -6.06 6.30 -29.42
C LEU A 59 -6.21 7.55 -30.29
N LEU A 60 -5.09 7.97 -30.88
CA LEU A 60 -5.07 9.14 -31.76
C LEU A 60 -5.94 8.95 -33.00
N ALA A 61 -6.04 7.72 -33.50
CA ALA A 61 -6.93 7.43 -34.61
C ALA A 61 -8.38 7.21 -34.18
N GLY A 62 -8.70 7.35 -32.89
CA GLY A 62 -10.09 7.21 -32.44
C GLY A 62 -10.54 5.80 -32.12
N GLU A 63 -9.60 4.88 -31.94
CA GLU A 63 -9.96 3.47 -31.72
C GLU A 63 -10.41 3.32 -30.28
N SER A 64 -11.31 2.37 -30.07
CA SER A 64 -11.80 1.99 -28.74
C SER A 64 -11.35 0.55 -28.46
N GLY A 65 -11.05 0.24 -27.21
CA GLY A 65 -10.78 -1.15 -26.79
C GLY A 65 -12.00 -1.84 -26.26
N ILE A 66 -13.17 -1.18 -26.22
CA ILE A 66 -14.33 -1.78 -25.57
C ILE A 66 -15.24 -2.55 -26.53
N HIS A 67 -15.56 -3.82 -26.24
CA HIS A 67 -16.40 -4.63 -27.11
C HIS A 67 -17.39 -5.43 -26.29
N ALA A 68 -18.30 -6.12 -26.99
CA ALA A 68 -19.16 -7.12 -26.39
C ALA A 68 -18.30 -8.20 -25.68
N LEU A 69 -18.61 -8.53 -24.44
CA LEU A 69 -17.88 -9.62 -23.80
C LEU A 69 -18.39 -10.97 -24.33
N GLU A 70 -17.47 -11.84 -24.70
CA GLU A 70 -17.81 -13.12 -25.31
C GLU A 70 -17.58 -14.24 -24.31
N ASP A 71 -17.18 -13.91 -23.09
CA ASP A 71 -16.86 -14.95 -22.12
C ASP A 71 -18.10 -15.77 -21.80
N GLU A 72 -17.88 -17.07 -21.67
CA GLU A 72 -18.99 -17.92 -21.28
CA GLU A 72 -18.94 -17.97 -21.24
C GLU A 72 -19.56 -17.53 -19.91
N PHE A 73 -18.77 -16.88 -19.06
CA PHE A 73 -19.26 -16.48 -17.74
C PHE A 73 -20.37 -15.42 -17.85
N VAL A 74 -20.38 -14.64 -18.94
CA VAL A 74 -21.49 -13.71 -19.14
C VAL A 74 -22.83 -14.40 -19.30
N THR A 75 -22.86 -15.43 -20.14
CA THR A 75 -24.03 -16.26 -20.36
C THR A 75 -24.40 -17.15 -19.16
N LYS A 76 -23.40 -17.79 -18.56
CA LYS A 76 -23.64 -18.63 -17.40
C LYS A 76 -24.45 -17.87 -16.35
N TRP A 77 -24.08 -16.62 -16.09
CA TRP A 77 -24.72 -15.84 -15.04
C TRP A 77 -25.74 -14.80 -15.51
N ASP A 78 -25.93 -14.68 -16.82
CA ASP A 78 -26.71 -13.59 -17.42
C ASP A 78 -26.39 -12.23 -16.80
N LEU A 79 -25.12 -11.80 -16.82
CA LEU A 79 -24.73 -10.59 -16.11
C LEU A 79 -25.40 -9.38 -16.75
N ALA A 80 -25.74 -8.38 -15.94
CA ALA A 80 -26.36 -7.17 -16.47
C ALA A 80 -25.35 -6.41 -17.35
N VAL A 81 -24.07 -6.55 -17.02
CA VAL A 81 -23.02 -5.88 -17.80
C VAL A 81 -22.44 -6.88 -18.79
N LYS A 82 -22.46 -6.53 -20.07
CA LYS A 82 -22.03 -7.49 -21.10
C LYS A 82 -20.99 -6.84 -22.01
N ILE A 83 -20.27 -5.85 -21.48
CA ILE A 83 -19.30 -5.10 -22.30
C ILE A 83 -18.02 -4.87 -21.51
N GLY A 84 -16.91 -4.66 -22.19
CA GLY A 84 -15.64 -4.44 -21.48
C GLY A 84 -14.50 -4.59 -22.48
N GLY A 85 -13.29 -4.22 -22.07
CA GLY A 85 -12.12 -4.40 -22.91
C GLY A 85 -11.18 -5.43 -22.29
N HIS A 86 -11.15 -6.65 -22.79
CA HIS A 86 -10.06 -7.54 -22.40
C HIS A 86 -8.78 -7.03 -23.05
N LEU A 87 -7.63 -7.39 -22.50
CA LEU A 87 -6.36 -7.14 -23.16
C LEU A 87 -6.36 -7.67 -24.59
N LYS A 88 -5.82 -6.88 -25.50
CA LYS A 88 -5.61 -7.35 -26.85
C LYS A 88 -4.77 -8.61 -26.88
N ASP A 89 -3.73 -8.65 -26.05
CA ASP A 89 -2.78 -9.78 -26.04
C ASP A 89 -2.72 -10.28 -24.60
N PRO A 90 -3.30 -11.46 -24.34
CA PRO A 90 -3.48 -11.91 -22.94
C PRO A 90 -2.12 -12.14 -22.30
N VAL A 91 -1.93 -11.67 -21.08
CA VAL A 91 -0.70 -11.92 -20.31
C VAL A 91 -0.19 -13.38 -20.38
N ASP A 92 -1.08 -14.33 -20.16
CA ASP A 92 -0.64 -15.71 -20.03
C ASP A 92 -0.18 -16.41 -21.33
N SER A 93 -0.43 -15.83 -22.50
CA SER A 93 0.26 -16.40 -23.67
C SER A 93 1.76 -16.11 -23.60
N HIS A 94 2.19 -15.35 -22.59
CA HIS A 94 3.61 -15.07 -22.43
C HIS A 94 4.24 -15.83 -21.26
N MET A 95 3.48 -16.70 -20.61
CA MET A 95 3.96 -17.20 -19.33
C MET A 95 4.38 -18.65 -19.49
N GLY A 96 5.43 -19.06 -18.76
CA GLY A 96 5.86 -20.47 -18.77
C GLY A 96 5.01 -21.29 -17.84
N ARG A 97 5.20 -22.62 -17.90
CA ARG A 97 4.38 -23.54 -17.15
C ARG A 97 4.49 -23.26 -15.65
N LEU A 98 5.70 -22.95 -15.19
CA LEU A 98 5.88 -22.75 -13.75
C LEU A 98 5.30 -21.41 -13.27
N ASP A 99 5.39 -20.37 -14.09
CA ASP A 99 4.82 -19.08 -13.70
C ASP A 99 3.33 -19.25 -13.46
N MET A 100 2.67 -20.09 -14.27
CA MET A 100 1.23 -20.27 -14.11
C MET A 100 0.91 -20.96 -12.79
N ARG A 101 1.88 -21.68 -12.20
CA ARG A 101 1.61 -22.38 -10.94
CA ARG A 101 1.63 -22.40 -10.95
C ARG A 101 2.18 -21.67 -9.74
N ARG A 102 3.05 -20.70 -9.94
CA ARG A 102 3.76 -20.11 -8.79
C ARG A 102 3.47 -18.63 -8.57
N MET A 103 2.72 -18.02 -9.48
CA MET A 103 2.45 -16.60 -9.40
C MET A 103 0.95 -16.41 -9.52
N SER A 104 0.39 -15.43 -8.84
CA SER A 104 -0.96 -14.97 -9.17
C SER A 104 -0.92 -14.14 -10.47
N TYR A 105 -2.10 -13.83 -10.97
CA TYR A 105 -2.21 -13.14 -12.27
C TYR A 105 -1.52 -11.77 -12.24
N VAL A 106 -1.72 -11.00 -11.18
CA VAL A 106 -1.11 -9.66 -11.14
C VAL A 106 0.42 -9.75 -11.02
N GLN A 107 0.89 -10.85 -10.44
CA GLN A 107 2.32 -11.15 -10.45
C GLN A 107 2.83 -11.48 -11.86
N ARG A 108 2.08 -12.29 -12.63
CA ARG A 108 2.50 -12.63 -14.00
C ARG A 108 2.51 -11.36 -14.84
N MET A 109 1.49 -10.51 -14.67
CA MET A 109 1.44 -9.24 -15.37
C MET A 109 2.63 -8.34 -14.97
N GLY A 110 2.94 -8.25 -13.67
CA GLY A 110 4.14 -7.54 -13.17
C GLY A 110 5.44 -8.00 -13.77
N LYS A 111 5.65 -9.31 -13.80
CA LYS A 111 6.84 -9.87 -14.42
C LYS A 111 6.91 -9.51 -15.91
N LEU A 112 5.81 -9.70 -16.62
CA LEU A 112 5.81 -9.40 -18.06
C LEU A 112 6.19 -7.94 -18.31
N LEU A 113 5.51 -7.01 -17.65
CA LEU A 113 5.73 -5.59 -17.95
C LEU A 113 7.11 -5.14 -17.45
N GLY A 114 7.56 -5.71 -16.32
CA GLY A 114 8.83 -5.33 -15.75
C GLY A 114 9.96 -5.67 -16.71
N GLY A 115 9.93 -6.87 -17.30
CA GLY A 115 10.98 -7.23 -18.25
C GLY A 115 10.94 -6.39 -19.54
N GLN A 116 9.73 -6.19 -20.07
CA GLN A 116 9.53 -5.27 -21.22
C GLN A 116 10.07 -3.87 -20.98
N LEU A 117 9.70 -3.28 -19.85
CA LEU A 117 10.19 -1.96 -19.49
C LEU A 117 11.71 -1.95 -19.45
N TRP A 118 12.30 -2.95 -18.80
CA TRP A 118 13.76 -2.94 -18.66
C TRP A 118 14.45 -3.01 -20.03
N GLU A 119 13.98 -3.92 -20.87
CA GLU A 119 14.49 -3.99 -22.22
C GLU A 119 14.31 -2.67 -22.97
N SER A 120 13.13 -2.07 -22.83
CA SER A 120 12.88 -0.75 -23.42
C SER A 120 13.84 0.32 -23.01
N ALA A 121 14.24 0.33 -21.74
CA ALA A 121 15.20 1.27 -21.21
C ALA A 121 16.66 1.01 -21.65
N GLY A 122 16.89 -0.05 -22.44
CA GLY A 122 18.25 -0.42 -22.81
C GLY A 122 18.93 -1.35 -21.80
N SER A 123 18.14 -2.01 -20.95
CA SER A 123 18.63 -2.91 -19.89
C SER A 123 19.75 -2.29 -19.07
N PRO A 124 19.54 -1.07 -18.52
CA PRO A 124 20.64 -0.36 -17.87
C PRO A 124 21.22 -1.16 -16.71
N GLU A 125 22.51 -0.99 -16.46
CA GLU A 125 23.11 -1.54 -15.26
CA GLU A 125 23.14 -1.53 -15.27
C GLU A 125 23.11 -0.43 -14.22
N VAL A 126 22.20 -0.56 -13.26
CA VAL A 126 22.02 0.48 -12.23
C VAL A 126 22.57 -0.07 -10.91
N ASP A 127 22.83 0.82 -9.95
CA ASP A 127 23.25 0.41 -8.63
C ASP A 127 22.00 -0.15 -7.91
N PRO A 128 21.97 -1.44 -7.55
CA PRO A 128 20.73 -2.01 -6.95
C PRO A 128 20.33 -1.24 -5.68
N ASP A 129 21.35 -0.77 -4.95
CA ASP A 129 21.13 -0.08 -3.69
C ASP A 129 20.55 1.32 -3.86
N ARG A 130 20.44 1.80 -5.10
CA ARG A 130 19.82 3.10 -5.36
C ARG A 130 18.59 2.98 -6.27
N PHE A 131 18.06 1.76 -6.34
CA PHE A 131 17.00 1.39 -7.29
C PHE A 131 15.78 0.92 -6.49
N ALA A 132 14.68 1.67 -6.59
CA ALA A 132 13.41 1.28 -5.95
C ALA A 132 12.32 0.78 -6.92
N VAL A 133 11.31 0.08 -6.39
CA VAL A 133 10.14 -0.38 -7.17
C VAL A 133 8.88 0.01 -6.38
N VAL A 134 7.95 0.70 -7.06
CA VAL A 134 6.71 1.11 -6.38
C VAL A 134 5.58 0.74 -7.34
N VAL A 135 4.79 -0.26 -6.98
CA VAL A 135 3.75 -0.73 -7.90
C VAL A 135 2.45 -0.94 -7.12
N GLY A 136 1.39 -0.23 -7.52
CA GLY A 136 0.06 -0.28 -6.91
C GLY A 136 -0.79 -1.36 -7.57
N THR A 137 -1.82 -1.80 -6.85
CA THR A 137 -2.80 -2.70 -7.40
C THR A 137 -4.06 -2.55 -6.53
N GLY A 138 -5.23 -2.92 -7.04
CA GLY A 138 -6.46 -2.76 -6.26
C GLY A 138 -6.64 -3.80 -5.17
N LEU A 139 -6.21 -5.03 -5.42
CA LEU A 139 -6.54 -6.14 -4.50
C LEU A 139 -5.40 -7.13 -4.26
N GLY A 140 -4.76 -7.59 -5.33
CA GLY A 140 -3.72 -8.63 -5.20
C GLY A 140 -4.15 -9.93 -5.83
N GLY A 141 -3.53 -11.04 -5.41
CA GLY A 141 -3.78 -12.33 -6.00
C GLY A 141 -5.04 -13.01 -5.47
N ALA A 142 -6.16 -12.29 -5.58
CA ALA A 142 -7.38 -12.72 -4.93
C ALA A 142 -7.91 -14.03 -5.51
N GLU A 143 -7.56 -14.35 -6.76
CA GLU A 143 -8.01 -15.63 -7.31
C GLU A 143 -7.40 -16.81 -6.55
N ARG A 144 -6.19 -16.60 -5.98
CA ARG A 144 -5.54 -17.65 -5.20
C ARG A 144 -6.19 -17.80 -3.84
N ILE A 145 -6.87 -16.75 -3.36
CA ILE A 145 -7.65 -16.88 -2.12
C ILE A 145 -8.78 -17.86 -2.40
N VAL A 146 -9.53 -17.63 -3.46
CA VAL A 146 -10.67 -18.50 -3.67
C VAL A 146 -10.19 -19.92 -4.04
N GLU A 147 -9.07 -20.04 -4.75
CA GLU A 147 -8.48 -21.34 -5.06
CA GLU A 147 -8.55 -21.35 -5.05
C GLU A 147 -8.13 -22.08 -3.78
N SER A 148 -7.42 -21.41 -2.88
CA SER A 148 -7.00 -22.02 -1.63
C SER A 148 -8.20 -22.47 -0.79
N TYR A 149 -9.20 -21.60 -0.73
CA TYR A 149 -10.39 -21.84 0.04
C TYR A 149 -11.03 -23.11 -0.47
N ASP A 150 -11.28 -23.19 -1.78
CA ASP A 150 -11.88 -24.39 -2.39
C ASP A 150 -11.03 -25.65 -2.15
N LEU A 151 -9.72 -25.56 -2.37
CA LEU A 151 -8.84 -26.72 -2.22
C LEU A 151 -8.92 -27.28 -0.80
N MET A 152 -8.90 -26.40 0.19
CA MET A 152 -8.95 -26.81 1.59
C MET A 152 -10.32 -27.35 2.00
N ASN A 153 -11.39 -26.69 1.56
CA ASN A 153 -12.74 -27.24 1.79
C ASN A 153 -12.94 -28.63 1.22
N ALA A 154 -12.33 -28.90 0.06
CA ALA A 154 -12.51 -30.21 -0.56
C ALA A 154 -11.59 -31.26 0.06
N GLY A 155 -10.38 -30.88 0.46
CA GLY A 155 -9.34 -31.86 0.73
C GLY A 155 -8.48 -31.61 1.97
N GLY A 156 -8.79 -30.56 2.73
CA GLY A 156 -8.06 -30.26 3.96
C GLY A 156 -6.86 -29.31 3.87
N PRO A 157 -6.27 -28.95 5.02
CA PRO A 157 -5.21 -27.94 5.03
C PRO A 157 -3.99 -28.31 4.18
N ARG A 158 -3.69 -29.60 4.05
CA ARG A 158 -2.53 -30.07 3.30
CA ARG A 158 -2.49 -29.96 3.32
C ARG A 158 -2.67 -29.89 1.78
N LYS A 159 -3.88 -29.54 1.33
CA LYS A 159 -4.09 -29.20 -0.08
C LYS A 159 -3.78 -27.73 -0.45
N VAL A 160 -3.58 -26.85 0.53
CA VAL A 160 -3.20 -25.46 0.24
C VAL A 160 -1.74 -25.38 -0.24
N SER A 161 -1.47 -24.61 -1.30
CA SER A 161 -0.11 -24.52 -1.82
C SER A 161 0.79 -23.83 -0.80
N PRO A 162 2.02 -24.32 -0.62
CA PRO A 162 3.03 -23.56 0.12
C PRO A 162 3.36 -22.20 -0.53
N LEU A 163 2.86 -21.94 -1.72
CA LEU A 163 3.11 -20.64 -2.34
C LEU A 163 1.91 -19.69 -2.18
N ALA A 164 0.84 -20.17 -1.55
CA ALA A 164 -0.40 -19.37 -1.51
C ALA A 164 -0.18 -17.97 -0.89
N VAL A 165 0.52 -17.94 0.24
CA VAL A 165 0.72 -16.67 0.91
C VAL A 165 1.44 -15.69 -0.03
N GLN A 166 2.51 -16.13 -0.71
CA GLN A 166 3.25 -15.13 -1.47
C GLN A 166 2.54 -14.75 -2.77
N MET A 167 1.66 -15.61 -3.27
CA MET A 167 0.85 -15.27 -4.45
C MET A 167 -0.29 -14.31 -4.10
N ILE A 168 -0.82 -14.43 -2.88
CA ILE A 168 -2.00 -13.69 -2.47
C ILE A 168 -1.65 -12.27 -2.02
N MET A 169 -0.55 -12.14 -1.31
CA MET A 169 -0.30 -10.90 -0.57
C MET A 169 -0.31 -9.73 -1.58
N PRO A 170 -0.92 -8.58 -1.24
CA PRO A 170 -1.09 -7.54 -2.26
C PRO A 170 0.23 -6.89 -2.76
N ASN A 171 1.27 -6.92 -1.93
CA ASN A 171 2.64 -6.45 -2.27
C ASN A 171 3.33 -7.43 -3.20
N GLY A 172 2.62 -8.47 -3.60
CA GLY A 172 3.26 -9.57 -4.32
C GLY A 172 3.74 -9.21 -5.74
N ALA A 173 2.99 -8.38 -6.47
CA ALA A 173 3.45 -7.99 -7.82
C ALA A 173 4.69 -7.09 -7.74
N ALA A 174 4.63 -6.09 -6.85
CA ALA A 174 5.80 -5.20 -6.65
C ALA A 174 7.00 -6.04 -6.27
N ALA A 175 6.80 -6.99 -5.36
CA ALA A 175 7.90 -7.84 -4.92
C ALA A 175 8.53 -8.68 -6.05
N VAL A 176 7.68 -9.28 -6.88
CA VAL A 176 8.15 -9.99 -8.07
C VAL A 176 9.03 -9.10 -8.95
N ILE A 177 8.56 -7.88 -9.20
CA ILE A 177 9.32 -6.99 -10.07
C ILE A 177 10.63 -6.60 -9.40
N GLY A 178 10.58 -6.28 -8.11
CA GLY A 178 11.79 -5.95 -7.37
C GLY A 178 12.83 -7.05 -7.41
N LEU A 179 12.38 -8.29 -7.28
CA LEU A 179 13.25 -9.46 -7.33
CA LEU A 179 13.30 -9.42 -7.30
C LEU A 179 13.82 -9.64 -8.72
N GLN A 180 12.93 -9.52 -9.71
CA GLN A 180 13.28 -9.72 -11.11
C GLN A 180 14.35 -8.71 -11.54
N LEU A 181 14.16 -7.45 -11.17
CA LEU A 181 15.04 -6.39 -11.68
C LEU A 181 16.15 -6.03 -10.68
N GLY A 182 16.07 -6.54 -9.45
CA GLY A 182 17.18 -6.37 -8.51
C GLY A 182 17.11 -5.08 -7.69
N ALA A 183 15.93 -4.67 -7.25
CA ALA A 183 15.76 -3.35 -6.64
C ALA A 183 16.02 -3.51 -5.17
N ARG A 184 17.00 -2.78 -4.62
CA ARG A 184 17.33 -2.86 -3.20
C ARG A 184 17.15 -1.58 -2.37
N ALA A 185 16.53 -0.56 -2.95
CA ALA A 185 16.29 0.67 -2.24
C ALA A 185 14.82 0.81 -1.88
N GLY A 186 14.12 -0.33 -1.76
CA GLY A 186 12.73 -0.35 -1.35
C GLY A 186 11.81 -0.89 -2.42
N VAL A 187 10.77 -1.61 -1.98
CA VAL A 187 9.76 -2.12 -2.88
C VAL A 187 8.42 -1.83 -2.18
N MET A 188 7.64 -0.88 -2.73
CA MET A 188 6.46 -0.44 -1.99
C MET A 188 5.21 -0.68 -2.80
N THR A 189 4.09 -0.87 -2.09
CA THR A 189 2.80 -1.12 -2.70
C THR A 189 1.77 -0.24 -1.97
N PRO A 190 1.48 0.95 -2.52
CA PRO A 190 0.39 1.77 -1.94
C PRO A 190 -0.92 1.23 -2.49
N VAL A 191 -1.90 1.02 -1.61
CA VAL A 191 -3.19 0.69 -2.18
CA VAL A 191 -3.22 0.64 -2.10
C VAL A 191 -4.19 1.79 -1.82
N SER A 192 -4.87 2.28 -2.85
CA SER A 192 -5.90 3.30 -2.66
C SER A 192 -6.93 3.10 -3.78
N ALA A 193 -7.31 1.84 -4.01
CA ALA A 193 -8.38 1.48 -4.93
C ALA A 193 -8.04 2.15 -6.28
N GLN A 194 -8.94 2.94 -6.86
CA GLN A 194 -8.73 3.36 -8.26
C GLN A 194 -7.64 4.45 -8.44
N SER A 195 -7.01 4.93 -7.37
CA SER A 195 -5.86 5.83 -7.53
C SER A 195 -4.52 5.15 -7.29
N SER A 196 -4.51 3.82 -7.08
CA SER A 196 -3.29 3.12 -6.64
C SER A 196 -2.14 3.29 -7.63
N GLY A 197 -2.46 3.25 -8.93
CA GLY A 197 -1.41 3.26 -9.96
C GLY A 197 -0.69 4.61 -10.08
N SER A 198 -1.45 5.69 -9.86
CA SER A 198 -0.89 7.06 -9.70
C SER A 198 -0.18 7.25 -8.39
N GLU A 199 -0.77 6.73 -7.34
CA GLU A 199 -0.15 6.94 -6.02
C GLU A 199 1.23 6.25 -6.00
N ALA A 200 1.35 5.13 -6.70
CA ALA A 200 2.63 4.42 -6.74
C ALA A 200 3.68 5.32 -7.37
N ILE A 201 3.32 6.01 -8.43
CA ILE A 201 4.31 6.91 -9.07
C ILE A 201 4.62 8.10 -8.16
N ALA A 202 3.63 8.58 -7.39
CA ALA A 202 3.90 9.64 -6.42
C ALA A 202 4.93 9.23 -5.37
N HIS A 203 4.76 8.05 -4.78
CA HIS A 203 5.68 7.57 -3.74
C HIS A 203 7.05 7.26 -4.32
N ALA A 204 7.11 6.82 -5.58
CA ALA A 204 8.44 6.66 -6.23
C ALA A 204 9.16 7.99 -6.38
N TRP A 205 8.40 9.01 -6.79
CA TRP A 205 8.94 10.38 -6.83
C TRP A 205 9.42 10.79 -5.45
N ARG A 206 8.65 10.50 -4.40
CA ARG A 206 9.13 10.91 -3.06
C ARG A 206 10.38 10.14 -2.66
N GLN A 207 10.43 8.84 -2.98
CA GLN A 207 11.60 8.04 -2.62
C GLN A 207 12.83 8.67 -3.26
N ILE A 208 12.71 9.16 -4.49
CA ILE A 208 13.88 9.77 -5.15
C ILE A 208 14.19 11.16 -4.59
N VAL A 209 13.19 12.05 -4.43
CA VAL A 209 13.54 13.42 -4.02
C VAL A 209 13.95 13.52 -2.54
N MET A 210 13.53 12.56 -1.71
CA MET A 210 14.02 12.47 -0.32
C MET A 210 15.40 11.80 -0.25
N GLY A 211 15.96 11.38 -1.38
CA GLY A 211 17.34 10.88 -1.33
C GLY A 211 17.49 9.37 -1.17
N ASP A 212 16.38 8.63 -1.17
CA ASP A 212 16.49 7.19 -0.92
C ASP A 212 16.84 6.36 -2.16
N ALA A 213 16.65 6.97 -3.34
CA ALA A 213 16.84 6.22 -4.58
C ALA A 213 17.21 7.20 -5.69
N ASP A 214 17.92 6.72 -6.69
CA ASP A 214 18.14 7.51 -7.89
C ASP A 214 17.30 7.09 -9.09
N VAL A 215 16.67 5.91 -9.01
CA VAL A 215 15.99 5.31 -10.17
C VAL A 215 14.86 4.43 -9.63
N ALA A 216 13.72 4.39 -10.32
CA ALA A 216 12.57 3.63 -9.78
C ALA A 216 11.68 3.18 -10.92
N VAL A 217 11.30 1.91 -10.85
CA VAL A 217 10.27 1.41 -11.71
C VAL A 217 8.96 1.57 -10.93
N CYS A 218 7.97 2.17 -11.57
CA CYS A 218 6.72 2.39 -10.83
C CYS A 218 5.49 2.32 -11.74
N GLY A 219 4.34 2.07 -11.12
CA GLY A 219 3.08 2.14 -11.84
C GLY A 219 2.09 1.17 -11.20
N GLY A 220 1.37 0.40 -12.02
CA GLY A 220 0.24 -0.35 -11.45
C GLY A 220 -0.12 -1.55 -12.31
N VAL A 221 -0.69 -2.57 -11.67
CA VAL A 221 -1.15 -3.75 -12.37
C VAL A 221 -2.54 -4.10 -11.83
N GLU A 222 -3.31 -4.88 -12.58
CA GLU A 222 -4.67 -5.21 -12.08
C GLU A 222 -5.13 -6.50 -12.76
N GLY A 223 -6.01 -7.22 -12.09
CA GLY A 223 -6.63 -8.43 -12.63
C GLY A 223 -7.51 -8.16 -13.83
N PRO A 224 -7.93 -9.25 -14.48
CA PRO A 224 -8.76 -9.20 -15.69
C PRO A 224 -10.23 -9.13 -15.32
N ILE A 225 -11.05 -8.84 -16.32
CA ILE A 225 -12.49 -8.88 -16.18
C ILE A 225 -12.94 -10.33 -15.90
N GLU A 226 -13.70 -10.50 -14.82
CA GLU A 226 -14.28 -11.78 -14.44
C GLU A 226 -15.67 -11.52 -13.86
N ALA A 227 -16.40 -12.62 -13.66
CA ALA A 227 -17.81 -12.57 -13.31
C ALA A 227 -18.00 -11.97 -11.93
N LEU A 228 -17.23 -12.40 -10.93
CA LEU A 228 -17.41 -11.88 -9.55
C LEU A 228 -17.09 -10.40 -9.42
N PRO A 229 -16.01 -9.91 -10.05
CA PRO A 229 -15.76 -8.47 -10.01
C PRO A 229 -16.89 -7.68 -10.66
N ILE A 230 -17.38 -8.16 -11.81
CA ILE A 230 -18.53 -7.51 -12.44
C ILE A 230 -19.70 -7.49 -11.49
N ALA A 231 -20.00 -8.63 -10.88
CA ALA A 231 -21.18 -8.72 -10.04
C ALA A 231 -21.06 -7.66 -8.92
N ALA A 232 -19.88 -7.57 -8.31
CA ALA A 232 -19.72 -6.72 -7.15
C ALA A 232 -19.82 -5.23 -7.48
N PHE A 233 -19.08 -4.79 -8.51
CA PHE A 233 -19.28 -3.40 -8.92
C PHE A 233 -20.70 -3.17 -9.48
N SER A 234 -21.30 -4.10 -10.21
CA SER A 234 -22.66 -3.88 -10.74
CA SER A 234 -22.67 -3.92 -10.74
C SER A 234 -23.67 -3.65 -9.61
N MET A 235 -23.51 -4.34 -8.49
CA MET A 235 -24.44 -4.12 -7.38
C MET A 235 -24.28 -2.74 -6.74
N MET A 236 -23.19 -2.01 -7.07
CA MET A 236 -23.08 -0.57 -6.68
C MET A 236 -23.84 0.36 -7.62
N ARG A 237 -24.23 -0.16 -8.80
CA ARG A 237 -25.07 0.54 -9.78
C ARG A 237 -24.25 1.69 -10.36
N ALA A 238 -22.98 1.36 -10.53
CA ALA A 238 -21.86 2.17 -10.90
C ALA A 238 -21.51 2.08 -12.42
N MET A 239 -22.03 1.06 -13.10
CA MET A 239 -21.47 0.62 -14.39
C MET A 239 -22.41 0.92 -15.52
N SER A 240 -21.83 1.27 -16.67
CA SER A 240 -22.67 1.41 -17.86
C SER A 240 -23.30 0.08 -18.21
N THR A 241 -24.55 0.09 -18.64
CA THR A 241 -25.16 -1.12 -19.19
C THR A 241 -25.58 -0.92 -20.64
N ARG A 242 -24.85 -0.08 -21.37
CA ARG A 242 -25.20 0.16 -22.78
C ARG A 242 -24.66 -0.98 -23.61
N ASN A 243 -25.26 -2.15 -23.48
CA ASN A 243 -24.68 -3.38 -24.00
C ASN A 243 -24.76 -3.48 -25.53
N ASP A 244 -25.74 -2.81 -26.13
CA ASP A 244 -25.99 -2.91 -27.57
CA ASP A 244 -25.96 -2.96 -27.56
C ASP A 244 -25.01 -2.08 -28.39
N GLU A 245 -24.32 -1.15 -27.75
CA GLU A 245 -23.28 -0.37 -28.45
C GLU A 245 -22.01 -0.19 -27.62
N PRO A 246 -21.20 -1.25 -27.46
CA PRO A 246 -20.12 -1.29 -26.48
C PRO A 246 -19.14 -0.11 -26.63
N GLU A 247 -18.77 0.24 -27.86
CA GLU A 247 -17.78 1.28 -28.12
CA GLU A 247 -17.77 1.28 -28.11
C GLU A 247 -18.34 2.67 -27.75
N ARG A 248 -19.66 2.79 -27.64
CA ARG A 248 -20.29 4.08 -27.27
C ARG A 248 -20.63 4.23 -25.76
N ALA A 249 -20.32 3.21 -24.97
CA ALA A 249 -20.87 3.12 -23.64
C ALA A 249 -20.11 4.01 -22.66
N SER A 250 -18.79 4.08 -22.77
CA SER A 250 -18.02 4.86 -21.79
C SER A 250 -18.05 6.33 -22.23
N ARG A 251 -18.82 7.20 -21.54
CA ARG A 251 -18.94 8.61 -21.98
C ARG A 251 -18.53 9.70 -20.98
N PRO A 252 -17.26 9.73 -20.57
CA PRO A 252 -16.87 10.66 -19.51
C PRO A 252 -17.16 12.09 -19.93
N PHE A 253 -17.79 12.82 -19.00
CA PHE A 253 -18.16 14.24 -19.16
C PHE A 253 -19.33 14.50 -20.08
N ASP A 254 -19.77 13.47 -20.79
CA ASP A 254 -20.94 13.60 -21.65
C ASP A 254 -22.23 13.67 -20.82
N LYS A 255 -23.20 14.42 -21.32
CA LYS A 255 -24.50 14.50 -20.67
C LYS A 255 -25.15 13.14 -20.45
N ASP A 256 -25.00 12.20 -21.38
CA ASP A 256 -25.76 10.95 -21.35
C ASP A 256 -24.96 9.79 -20.76
N ARG A 257 -23.90 10.06 -20.00
CA ARG A 257 -23.12 8.99 -19.39
C ARG A 257 -23.98 8.21 -18.41
N ASP A 258 -23.63 6.94 -18.25
CA ASP A 258 -24.39 6.06 -17.38
C ASP A 258 -23.47 5.10 -16.64
N GLY A 259 -22.27 5.56 -16.31
CA GLY A 259 -21.38 4.77 -15.44
C GLY A 259 -20.12 4.32 -16.16
N PHE A 260 -19.26 3.60 -15.43
CA PHE A 260 -17.95 3.22 -16.02
C PHE A 260 -18.00 1.88 -16.76
N VAL A 261 -16.97 1.65 -17.58
CA VAL A 261 -16.78 0.39 -18.30
C VAL A 261 -15.42 -0.18 -17.91
N PHE A 262 -15.34 -1.46 -17.59
CA PHE A 262 -14.02 -2.08 -17.36
C PHE A 262 -13.21 -2.15 -18.64
N GLY A 263 -11.92 -1.81 -18.57
CA GLY A 263 -10.99 -2.00 -19.67
C GLY A 263 -9.69 -2.42 -19.00
N GLU A 264 -9.21 -3.62 -19.29
CA GLU A 264 -7.98 -4.17 -18.69
C GLU A 264 -6.72 -3.41 -19.08
N ALA A 265 -5.80 -3.29 -18.13
CA ALA A 265 -4.50 -2.67 -18.42
C ALA A 265 -3.49 -3.05 -17.35
N GLY A 266 -2.20 -2.86 -17.66
CA GLY A 266 -1.14 -2.73 -16.66
C GLY A 266 -0.18 -1.73 -17.26
N ALA A 267 0.52 -0.93 -16.45
CA ALA A 267 1.48 0.04 -16.99
C ALA A 267 2.59 0.31 -15.99
N LEU A 268 3.84 0.45 -16.48
CA LEU A 268 4.96 0.85 -15.65
C LEU A 268 5.71 1.92 -16.39
N MET A 269 6.41 2.76 -15.63
CA MET A 269 7.36 3.69 -16.20
C MET A 269 8.63 3.60 -15.39
N LEU A 270 9.73 4.06 -16.01
CA LEU A 270 11.01 4.14 -15.35
C LEU A 270 11.23 5.63 -15.11
N ILE A 271 11.51 6.01 -13.87
CA ILE A 271 11.86 7.39 -13.55
C ILE A 271 13.23 7.39 -12.90
N GLU A 272 13.99 8.46 -13.11
CA GLU A 272 15.31 8.55 -12.51
C GLU A 272 15.72 10.01 -12.41
N THR A 273 16.70 10.34 -11.56
CA THR A 273 17.21 11.70 -11.57
C THR A 273 17.76 12.03 -12.97
N GLU A 274 17.60 13.29 -13.33
CA GLU A 274 18.14 13.80 -14.58
C GLU A 274 19.63 13.48 -14.69
N GLU A 275 20.39 13.67 -13.62
CA GLU A 275 21.82 13.33 -13.60
C GLU A 275 22.08 11.83 -13.89
N HIS A 276 21.32 10.95 -13.25
CA HIS A 276 21.44 9.51 -13.52
C HIS A 276 21.12 9.23 -14.99
N ALA A 277 20.07 9.86 -15.52
CA ALA A 277 19.70 9.63 -16.92
C ALA A 277 20.80 10.13 -17.87
N LYS A 278 21.31 11.33 -17.61
CA LYS A 278 22.36 11.91 -18.43
CA LYS A 278 22.35 11.90 -18.45
C LYS A 278 23.61 11.02 -18.41
N ALA A 279 23.99 10.54 -17.22
CA ALA A 279 25.23 9.78 -17.10
C ALA A 279 25.14 8.48 -17.92
N ARG A 280 23.95 7.91 -18.11
CA ARG A 280 23.90 6.67 -18.90
C ARG A 280 23.42 6.92 -20.32
N GLY A 281 23.22 8.17 -20.71
CA GLY A 281 22.79 8.47 -22.07
C GLY A 281 21.34 8.12 -22.38
N ALA A 282 20.46 8.04 -21.37
CA ALA A 282 19.04 7.83 -21.62
C ALA A 282 18.38 9.11 -22.14
N LYS A 283 17.43 9.00 -23.08
CA LYS A 283 16.68 10.16 -23.59
CA LYS A 283 16.72 10.21 -23.50
C LYS A 283 15.34 10.30 -22.85
N PRO A 284 15.17 11.33 -22.01
CA PRO A 284 13.92 11.44 -21.23
C PRO A 284 12.72 11.69 -22.14
N LEU A 285 11.56 11.14 -21.76
CA LEU A 285 10.32 11.34 -22.49
C LEU A 285 9.59 12.57 -21.95
N ALA A 286 9.89 12.96 -20.70
CA ALA A 286 9.14 13.98 -19.96
C ALA A 286 9.81 14.11 -18.61
N ARG A 287 9.36 15.12 -17.86
CA ARG A 287 9.77 15.31 -16.46
C ARG A 287 8.61 14.99 -15.52
N LEU A 288 8.92 14.39 -14.36
CA LEU A 288 7.90 14.25 -13.32
C LEU A 288 8.25 15.25 -12.20
N LEU A 289 7.41 16.26 -12.03
CA LEU A 289 7.79 17.47 -11.31
C LEU A 289 7.27 17.54 -9.87
N GLY A 290 6.13 16.88 -9.62
CA GLY A 290 5.50 16.95 -8.30
C GLY A 290 4.27 16.08 -8.16
N ALA A 291 3.88 15.79 -6.92
CA ALA A 291 2.77 14.88 -6.63
C ALA A 291 2.01 15.39 -5.41
N GLY A 292 0.67 15.41 -5.49
CA GLY A 292 -0.16 15.82 -4.38
C GLY A 292 -1.02 14.62 -4.02
N ILE A 293 -1.07 14.31 -2.73
CA ILE A 293 -1.98 13.29 -2.18
C ILE A 293 -2.81 13.92 -1.08
N THR A 294 -4.13 13.88 -1.24
CA THR A 294 -5.04 14.34 -0.19
C THR A 294 -6.18 13.32 0.00
N SER A 295 -7.16 13.64 0.84
CA SER A 295 -8.30 12.77 1.03
C SER A 295 -9.55 13.62 1.31
N ASP A 296 -10.72 13.07 1.04
CA ASP A 296 -11.99 13.83 1.14
C ASP A 296 -12.59 13.91 2.55
N ALA A 297 -12.44 12.81 3.29
CA ALA A 297 -13.30 12.48 4.43
C ALA A 297 -14.75 12.85 4.19
N PHE A 298 -15.33 12.29 3.15
CA PHE A 298 -16.71 12.67 2.80
C PHE A 298 -17.58 11.39 2.74
N HIS A 299 -17.15 10.41 1.97
CA HIS A 299 -17.97 9.21 1.82
C HIS A 299 -17.03 8.13 1.35
N MET A 300 -17.34 6.87 1.67
CA MET A 300 -16.48 5.75 1.28
C MET A 300 -16.48 5.51 -0.23
N VAL A 301 -17.60 5.74 -0.90
CA VAL A 301 -17.62 5.40 -2.34
C VAL A 301 -18.25 6.48 -3.20
N ALA A 302 -18.30 7.72 -2.71
CA ALA A 302 -18.68 8.84 -3.63
C ALA A 302 -17.67 9.94 -3.32
N PRO A 303 -17.20 10.71 -4.34
CA PRO A 303 -16.23 11.79 -4.16
C PRO A 303 -16.99 12.99 -3.55
N ALA A 304 -16.34 13.85 -2.78
CA ALA A 304 -16.98 15.07 -2.35
C ALA A 304 -17.45 15.88 -3.56
N ALA A 305 -18.66 16.40 -3.49
CA ALA A 305 -19.25 17.09 -4.61
C ALA A 305 -18.47 18.36 -4.90
N ASP A 306 -17.92 18.99 -3.84
CA ASP A 306 -17.39 20.33 -3.99
C ASP A 306 -16.03 20.28 -4.69
N GLY A 307 -15.41 19.10 -4.79
CA GLY A 307 -14.08 19.02 -5.40
C GLY A 307 -12.94 19.72 -4.68
N VAL A 308 -13.18 20.13 -3.43
CA VAL A 308 -12.17 20.98 -2.78
C VAL A 308 -10.86 20.23 -2.43
N ARG A 309 -10.98 19.12 -1.70
CA ARG A 309 -9.77 18.32 -1.43
C ARG A 309 -9.14 17.72 -2.69
N ALA A 310 -9.95 17.29 -3.64
CA ALA A 310 -9.36 16.82 -4.91
C ALA A 310 -8.57 17.95 -5.57
N GLY A 311 -9.16 19.15 -5.60
CA GLY A 311 -8.49 20.31 -6.20
C GLY A 311 -7.24 20.63 -5.41
N ARG A 312 -7.27 20.47 -4.08
CA ARG A 312 -6.04 20.62 -3.31
C ARG A 312 -4.91 19.64 -3.69
N ALA A 313 -5.24 18.38 -4.00
CA ALA A 313 -4.19 17.47 -4.50
C ALA A 313 -3.54 18.03 -5.77
N MET A 314 -4.35 18.54 -6.72
CA MET A 314 -3.74 19.18 -7.90
C MET A 314 -2.83 20.35 -7.51
N THR A 315 -3.34 21.24 -6.66
CA THR A 315 -2.61 22.43 -6.23
C THR A 315 -1.31 22.07 -5.50
N ARG A 316 -1.36 21.08 -4.61
CA ARG A 316 -0.15 20.59 -3.95
C ARG A 316 0.90 20.12 -4.97
N SER A 317 0.49 19.40 -6.02
CA SER A 317 1.47 18.92 -7.03
C SER A 317 2.09 20.13 -7.70
N LEU A 318 1.32 21.20 -7.89
CA LEU A 318 1.87 22.43 -8.49
C LEU A 318 2.85 23.16 -7.53
N GLU A 319 2.50 23.24 -6.25
CA GLU A 319 3.40 23.80 -5.23
C GLU A 319 4.74 23.07 -5.24
N LEU A 320 4.69 21.73 -5.25
CA LEU A 320 5.94 20.94 -5.23
C LEU A 320 6.72 21.09 -6.52
N ALA A 321 6.02 21.19 -7.64
CA ALA A 321 6.66 21.37 -8.93
C ALA A 321 7.22 22.79 -9.08
N GLY A 322 6.59 23.77 -8.43
CA GLY A 322 6.96 25.19 -8.56
C GLY A 322 6.19 25.85 -9.70
N LEU A 323 4.96 25.40 -9.98
CA LEU A 323 4.15 25.86 -11.10
C LEU A 323 2.94 26.64 -10.61
N SER A 324 2.40 27.50 -11.46
CA SER A 324 1.08 28.08 -11.20
CA SER A 324 1.09 28.08 -11.19
C SER A 324 0.00 27.42 -12.05
N PRO A 325 -1.27 27.56 -11.62
CA PRO A 325 -2.31 26.90 -12.43
C PRO A 325 -2.32 27.36 -13.87
N ALA A 326 -2.01 28.63 -14.14
CA ALA A 326 -2.01 29.04 -15.57
C ALA A 326 -0.97 28.34 -16.43
N ASP A 327 0.04 27.74 -15.81
CA ASP A 327 1.06 26.96 -16.51
C ASP A 327 0.51 25.63 -17.08
N ILE A 328 -0.60 25.16 -16.54
CA ILE A 328 -1.07 23.82 -16.84
C ILE A 328 -1.84 23.84 -18.18
N ASP A 329 -1.23 23.28 -19.22
CA ASP A 329 -1.88 23.21 -20.54
C ASP A 329 -2.91 22.11 -20.63
N HIS A 330 -2.74 21.04 -19.85
CA HIS A 330 -3.46 19.77 -20.12
C HIS A 330 -3.80 19.08 -18.79
N VAL A 331 -5.03 18.63 -18.66
CA VAL A 331 -5.37 17.73 -17.55
C VAL A 331 -5.82 16.39 -18.15
N ASN A 332 -5.20 15.31 -17.67
CA ASN A 332 -5.65 13.98 -17.99
C ASN A 332 -6.56 13.55 -16.86
N ALA A 333 -7.86 13.60 -17.13
CA ALA A 333 -8.85 13.45 -16.09
C ALA A 333 -9.03 12.02 -15.67
N HIS A 334 -9.36 11.80 -14.39
CA HIS A 334 -9.77 10.46 -13.97
C HIS A 334 -11.02 10.03 -14.74
N GLY A 335 -11.97 10.95 -14.85
CA GLY A 335 -13.05 10.81 -15.85
C GLY A 335 -13.64 9.42 -16.04
N THR A 336 -14.30 8.90 -15.01
CA THR A 336 -14.82 7.54 -15.07
C THR A 336 -16.11 7.38 -15.86
N ALA A 337 -16.80 8.50 -16.14
CA ALA A 337 -18.16 8.49 -16.75
C ALA A 337 -19.29 8.09 -15.80
N THR A 338 -19.07 8.08 -14.49
CA THR A 338 -20.21 8.08 -13.59
C THR A 338 -20.81 9.50 -13.52
N PRO A 339 -22.15 9.62 -13.41
CA PRO A 339 -22.71 10.99 -13.23
C PRO A 339 -22.03 11.74 -12.07
N ILE A 340 -21.93 11.13 -10.90
CA ILE A 340 -21.43 12.02 -9.86
C ILE A 340 -19.91 12.20 -9.85
N GLY A 341 -19.16 11.20 -10.31
CA GLY A 341 -17.70 11.31 -10.35
C GLY A 341 -17.24 12.44 -11.25
N ASP A 342 -17.73 12.49 -12.49
CA ASP A 342 -17.24 13.51 -13.43
C ASP A 342 -17.62 14.91 -12.92
N ALA A 343 -18.81 15.03 -12.34
CA ALA A 343 -19.26 16.35 -11.84
C ALA A 343 -18.30 16.85 -10.74
N ALA A 344 -17.95 15.95 -9.81
CA ALA A 344 -17.02 16.29 -8.73
C ALA A 344 -15.64 16.66 -9.27
N GLU A 345 -15.15 15.92 -10.24
CA GLU A 345 -13.81 16.20 -10.78
C GLU A 345 -13.82 17.55 -11.53
N ALA A 346 -14.92 17.89 -12.25
CA ALA A 346 -15.00 19.20 -12.92
C ALA A 346 -14.88 20.32 -11.88
N ASN A 347 -15.55 20.12 -10.75
CA ASN A 347 -15.48 21.08 -9.66
C ASN A 347 -14.06 21.13 -9.11
N ALA A 348 -13.37 19.98 -9.03
CA ALA A 348 -12.01 19.95 -8.47
C ALA A 348 -11.04 20.72 -9.41
N ILE A 349 -11.23 20.57 -10.72
CA ILE A 349 -10.39 21.27 -11.70
C ILE A 349 -10.61 22.78 -11.61
N ARG A 350 -11.85 23.20 -11.38
CA ARG A 350 -12.05 24.64 -11.15
C ARG A 350 -11.41 25.12 -9.85
N VAL A 351 -11.55 24.33 -8.79
CA VAL A 351 -10.96 24.73 -7.49
C VAL A 351 -9.46 24.97 -7.69
N ALA A 352 -8.81 24.10 -8.45
CA ALA A 352 -7.38 24.22 -8.66
C ALA A 352 -6.98 25.35 -9.64
N GLY A 353 -7.96 25.94 -10.33
CA GLY A 353 -7.69 27.00 -11.32
C GLY A 353 -7.14 26.45 -12.61
N CYS A 354 -7.50 25.21 -12.92
CA CYS A 354 -6.97 24.55 -14.11
C CYS A 354 -8.04 24.31 -15.16
N ASP A 355 -9.22 24.93 -15.04
CA ASP A 355 -10.30 24.62 -15.97
C ASP A 355 -10.20 25.32 -17.37
N GLN A 356 -9.10 26.02 -17.66
CA GLN A 356 -8.80 26.42 -19.04
C GLN A 356 -7.80 25.46 -19.69
N ALA A 357 -7.36 24.42 -18.97
CA ALA A 357 -6.56 23.34 -19.58
C ALA A 357 -7.39 22.57 -20.60
N ALA A 358 -6.73 21.95 -21.57
CA ALA A 358 -7.42 21.03 -22.47
C ALA A 358 -7.48 19.70 -21.72
N VAL A 359 -8.67 19.08 -21.69
CA VAL A 359 -8.89 17.90 -20.86
C VAL A 359 -9.06 16.68 -21.75
N TYR A 360 -8.49 15.55 -21.32
CA TYR A 360 -8.71 14.26 -22.04
C TYR A 360 -9.21 13.30 -20.97
N ALA A 361 -10.20 12.49 -21.33
CA ALA A 361 -10.66 11.39 -20.47
C ALA A 361 -10.44 10.05 -21.16
N PRO A 362 -9.25 9.45 -20.95
CA PRO A 362 -8.87 8.24 -21.68
C PRO A 362 -9.75 7.01 -21.39
N LYS A 363 -10.50 6.97 -20.27
CA LYS A 363 -11.40 5.84 -20.05
C LYS A 363 -12.51 5.78 -21.10
N SER A 364 -12.74 6.88 -21.84
CA SER A 364 -13.67 6.87 -22.98
C SER A 364 -13.31 5.80 -24.02
N ALA A 365 -12.01 5.51 -24.16
CA ALA A 365 -11.53 4.50 -25.14
C ALA A 365 -10.93 3.22 -24.51
N LEU A 366 -10.30 3.34 -23.34
CA LEU A 366 -9.55 2.22 -22.71
C LEU A 366 -10.31 1.61 -21.53
N GLY A 367 -11.43 2.22 -21.13
CA GLY A 367 -12.13 1.71 -19.95
C GLY A 367 -11.33 1.88 -18.66
N HIS A 368 -11.80 1.26 -17.60
CA HIS A 368 -11.33 1.55 -16.24
C HIS A 368 -10.55 0.29 -15.82
N SER A 369 -9.27 0.39 -15.52
CA SER A 369 -8.48 -0.75 -15.03
C SER A 369 -8.12 -0.58 -13.55
N ILE A 370 -8.95 0.15 -12.82
CA ILE A 370 -8.97 0.09 -11.34
C ILE A 370 -7.56 0.36 -10.77
N GLY A 371 -6.85 -0.60 -10.17
CA GLY A 371 -5.59 -0.28 -9.50
C GLY A 371 -4.48 0.07 -10.47
N ALA A 372 -4.67 -0.29 -11.73
CA ALA A 372 -3.67 0.05 -12.76
C ALA A 372 -3.90 1.37 -13.47
N VAL A 373 -5.14 1.85 -13.41
CA VAL A 373 -5.50 2.91 -14.36
C VAL A 373 -4.74 4.23 -14.21
N GLY A 374 -4.41 4.64 -12.98
CA GLY A 374 -3.65 5.86 -12.79
C GLY A 374 -2.29 5.80 -13.45
N ALA A 375 -1.67 4.63 -13.41
CA ALA A 375 -0.35 4.42 -14.01
C ALA A 375 -0.47 4.49 -15.53
N LEU A 376 -1.48 3.80 -16.07
CA LEU A 376 -1.74 3.90 -17.51
C LEU A 376 -1.95 5.35 -17.94
N GLU A 377 -2.74 6.10 -17.18
CA GLU A 377 -3.03 7.49 -17.59
C GLU A 377 -1.86 8.44 -17.40
N SER A 378 -0.99 8.13 -16.45
CA SER A 378 0.25 8.88 -16.30
C SER A 378 1.17 8.60 -17.51
N VAL A 379 1.24 7.35 -17.94
CA VAL A 379 1.97 7.05 -19.19
C VAL A 379 1.41 7.88 -20.38
N LEU A 380 0.08 7.93 -20.49
CA LEU A 380 -0.54 8.72 -21.55
C LEU A 380 -0.26 10.24 -21.41
N THR A 381 -0.21 10.74 -20.16
CA THR A 381 0.15 12.14 -19.95
C THR A 381 1.58 12.39 -20.45
N VAL A 382 2.47 11.43 -20.22
CA VAL A 382 3.87 11.57 -20.64
C VAL A 382 3.92 11.62 -22.17
N LEU A 383 3.16 10.77 -22.82
CA LEU A 383 3.17 10.74 -24.28
C LEU A 383 2.58 12.01 -24.88
N THR A 384 1.51 12.54 -24.26
CA THR A 384 0.98 13.84 -24.70
C THR A 384 2.06 14.93 -24.69
N LEU A 385 2.86 14.97 -23.62
CA LEU A 385 3.96 15.94 -23.53
C LEU A 385 5.09 15.68 -24.52
N ARG A 386 5.51 14.42 -24.62
CA ARG A 386 6.55 14.05 -25.61
C ARG A 386 6.13 14.43 -27.03
N ASP A 387 4.87 14.13 -27.40
CA ASP A 387 4.45 14.19 -28.81
C ASP A 387 3.66 15.45 -29.18
N GLY A 388 3.25 16.26 -28.21
CA GLY A 388 2.50 17.49 -28.54
C GLY A 388 1.06 17.26 -28.99
N VAL A 389 0.39 16.23 -28.47
CA VAL A 389 -0.94 15.90 -29.00
C VAL A 389 -1.78 15.22 -27.94
N ILE A 390 -3.07 15.53 -27.89
CA ILE A 390 -4.00 14.90 -26.97
C ILE A 390 -5.04 14.14 -27.82
N PRO A 391 -5.24 12.85 -27.55
CA PRO A 391 -6.25 12.12 -28.34
C PRO A 391 -7.67 12.66 -28.08
N PRO A 392 -8.63 12.37 -28.98
CA PRO A 392 -10.01 12.77 -28.73
C PRO A 392 -10.65 11.94 -27.60
N THR A 393 -11.42 12.58 -26.74
CA THR A 393 -12.25 11.82 -25.79
C THR A 393 -13.40 11.19 -26.61
N LEU A 394 -13.50 9.87 -26.66
CA LEU A 394 -14.58 9.25 -27.41
C LEU A 394 -15.94 9.53 -26.77
N ASN A 395 -16.99 9.47 -27.60
CA ASN A 395 -18.38 9.52 -27.13
C ASN A 395 -18.83 10.87 -26.56
N TYR A 396 -17.94 11.83 -26.63
CA TYR A 396 -18.24 13.15 -26.07
C TYR A 396 -19.10 13.91 -27.08
N GLU A 397 -20.41 13.95 -26.85
CA GLU A 397 -21.33 14.43 -27.89
C GLU A 397 -22.26 15.55 -27.43
N THR A 398 -22.64 15.51 -26.16
CA THR A 398 -23.54 16.52 -25.60
C THR A 398 -22.88 17.07 -24.35
N PRO A 399 -22.38 18.31 -24.44
CA PRO A 399 -21.82 19.00 -23.29
C PRO A 399 -22.81 19.08 -22.14
N ASP A 400 -22.26 18.96 -20.93
CA ASP A 400 -23.06 18.96 -19.72
C ASP A 400 -22.73 20.28 -19.00
N PRO A 401 -23.73 21.19 -18.84
CA PRO A 401 -23.46 22.47 -18.16
C PRO A 401 -22.85 22.39 -16.75
N GLU A 402 -22.99 21.28 -16.04
CA GLU A 402 -22.31 21.11 -14.74
CA GLU A 402 -22.31 21.20 -14.74
C GLU A 402 -20.83 20.83 -14.91
N ILE A 403 -20.42 20.46 -16.12
CA ILE A 403 -19.02 20.07 -16.34
C ILE A 403 -18.21 21.32 -16.79
N ASP A 404 -18.62 21.96 -17.89
CA ASP A 404 -18.02 23.22 -18.35
C ASP A 404 -16.47 23.15 -18.39
N LEU A 405 -15.96 22.12 -19.07
CA LEU A 405 -14.52 21.93 -19.29
C LEU A 405 -14.21 21.96 -20.80
N ASP A 406 -12.95 22.17 -21.14
CA ASP A 406 -12.54 22.10 -22.53
C ASP A 406 -12.17 20.65 -22.86
N VAL A 407 -13.17 19.81 -23.14
CA VAL A 407 -12.94 18.38 -23.39
C VAL A 407 -12.51 18.20 -24.83
N VAL A 408 -11.32 17.64 -25.05
CA VAL A 408 -10.82 17.45 -26.38
C VAL A 408 -11.67 16.33 -26.97
N ALA A 409 -12.22 16.55 -28.15
CA ALA A 409 -13.10 15.57 -28.80
C ALA A 409 -13.05 15.70 -30.30
N GLY A 410 -13.53 14.66 -30.98
CA GLY A 410 -13.68 14.70 -32.45
C GLY A 410 -12.40 14.31 -33.15
N GLU A 411 -11.33 15.07 -32.91
CA GLU A 411 -10.04 14.75 -33.50
CA GLU A 411 -10.03 14.85 -33.55
C GLU A 411 -8.95 15.09 -32.49
N PRO A 412 -7.71 14.62 -32.72
CA PRO A 412 -6.73 15.02 -31.69
C PRO A 412 -6.53 16.53 -31.60
N ARG A 413 -6.13 17.03 -30.41
CA ARG A 413 -5.78 18.44 -30.21
C ARG A 413 -4.26 18.57 -30.12
N TYR A 414 -3.65 19.28 -31.08
CA TYR A 414 -2.20 19.44 -31.19
C TYR A 414 -1.81 20.71 -30.43
N GLY A 415 -0.62 20.71 -29.84
CA GLY A 415 -0.12 21.94 -29.24
C GLY A 415 1.24 21.68 -28.68
N ASP A 416 1.96 22.76 -28.38
CA ASP A 416 3.23 22.63 -27.67
C ASP A 416 2.97 22.61 -26.17
N TYR A 417 2.47 21.50 -25.64
CA TYR A 417 2.10 21.44 -24.22
C TYR A 417 3.32 21.43 -23.34
N ARG A 418 3.34 22.33 -22.36
CA ARG A 418 4.51 22.48 -21.50
C ARG A 418 4.40 21.67 -20.21
N TYR A 419 3.20 21.68 -19.62
CA TYR A 419 2.95 21.10 -18.29
C TYR A 419 1.58 20.51 -18.29
N ALA A 420 1.44 19.43 -17.53
CA ALA A 420 0.15 18.72 -17.51
C ALA A 420 -0.07 18.09 -16.12
N VAL A 421 -1.31 17.87 -15.72
CA VAL A 421 -1.57 17.15 -14.48
C VAL A 421 -2.35 15.91 -14.83
N ASN A 422 -1.93 14.79 -14.25
CA ASN A 422 -2.74 13.61 -14.28
C ASN A 422 -3.50 13.44 -12.96
N ASN A 423 -4.83 13.26 -13.01
CA ASN A 423 -5.68 13.06 -11.85
C ASN A 423 -6.00 11.60 -11.69
N SER A 424 -6.06 11.09 -10.46
CA SER A 424 -6.73 9.82 -10.16
C SER A 424 -7.43 9.90 -8.81
N PHE A 425 -8.54 9.19 -8.66
CA PHE A 425 -9.25 9.23 -7.36
C PHE A 425 -9.65 7.79 -7.06
N GLY A 426 -9.86 7.48 -5.78
CA GLY A 426 -10.19 6.11 -5.38
C GLY A 426 -11.24 6.03 -4.26
N PHE A 427 -12.07 4.99 -4.30
CA PHE A 427 -12.97 4.66 -3.22
C PHE A 427 -12.14 4.73 -1.93
N GLY A 428 -12.70 5.36 -0.91
CA GLY A 428 -11.98 5.62 0.36
C GLY A 428 -11.77 7.13 0.43
N GLY A 429 -12.01 7.85 -0.68
CA GLY A 429 -11.87 9.31 -0.66
C GLY A 429 -10.44 9.76 -0.99
N HIS A 430 -9.70 8.94 -1.75
CA HIS A 430 -8.29 9.23 -2.06
C HIS A 430 -8.15 10.09 -3.27
N ASN A 431 -7.33 11.13 -3.15
CA ASN A 431 -7.04 12.01 -4.30
C ASN A 431 -5.54 12.07 -4.58
N VAL A 432 -5.17 11.83 -5.84
CA VAL A 432 -3.76 11.85 -6.24
C VAL A 432 -3.59 12.66 -7.50
N ALA A 433 -2.68 13.63 -7.52
CA ALA A 433 -2.45 14.41 -8.73
C ALA A 433 -0.95 14.41 -9.01
N LEU A 434 -0.57 14.21 -10.26
CA LEU A 434 0.83 14.17 -10.64
C LEU A 434 1.07 15.25 -11.67
N ALA A 435 2.12 16.04 -11.50
CA ALA A 435 2.40 17.14 -12.42
C ALA A 435 3.60 16.71 -13.24
N PHE A 436 3.46 16.71 -14.56
CA PHE A 436 4.52 16.36 -15.48
C PHE A 436 4.88 17.59 -16.32
N GLY A 437 6.07 17.58 -16.92
CA GLY A 437 6.48 18.64 -17.84
C GLY A 437 7.17 18.10 -19.07
N ARG A 438 7.10 18.87 -20.15
CA ARG A 438 7.83 18.54 -21.37
C ARG A 438 9.31 18.52 -21.04
N TYR A 439 10.06 17.58 -21.60
CA TYR A 439 11.49 17.60 -21.42
C TYR A 439 12.10 18.49 -22.50
N SER B 25 24.56 19.11 2.06
CA SER B 25 24.11 19.23 3.47
C SER B 25 22.71 18.62 3.66
N GLN B 26 22.66 17.34 4.04
CA GLN B 26 21.41 16.57 4.08
CA GLN B 26 21.41 16.57 4.09
C GLN B 26 20.55 16.92 5.29
N PRO B 27 19.27 17.25 5.08
CA PRO B 27 18.40 17.45 6.26
C PRO B 27 18.27 16.21 7.16
N SER B 28 18.21 16.46 8.47
CA SER B 28 17.99 15.43 9.49
C SER B 28 17.13 16.04 10.61
N THR B 29 16.57 15.21 11.47
CA THR B 29 15.81 15.74 12.57
C THR B 29 16.74 16.52 13.49
N ALA B 30 17.92 15.96 13.77
CA ALA B 30 18.84 16.64 14.69
C ALA B 30 19.34 17.96 14.13
N ASN B 31 19.49 18.14 12.81
CA ASN B 31 19.97 19.44 12.35
C ASN B 31 18.83 20.43 12.03
N GLY B 32 17.60 20.05 12.36
CA GLY B 32 16.45 20.94 12.15
C GLY B 32 15.97 21.01 10.71
N GLY B 33 16.57 20.22 9.82
CA GLY B 33 16.08 20.09 8.45
C GLY B 33 14.75 19.34 8.27
N PHE B 34 14.37 18.54 9.26
CA PHE B 34 13.00 18.04 9.34
C PHE B 34 12.36 18.59 10.59
N PRO B 35 11.04 18.81 10.55
CA PRO B 35 10.48 19.28 11.82
C PRO B 35 10.52 18.16 12.87
N SER B 36 10.55 18.52 14.16
CA SER B 36 10.42 17.55 15.23
C SER B 36 9.01 16.94 15.26
N VAL B 37 8.93 15.61 15.35
CA VAL B 37 7.67 14.89 15.31
C VAL B 37 7.60 14.09 16.60
N VAL B 38 6.47 14.18 17.31
CA VAL B 38 6.32 13.46 18.57
C VAL B 38 5.11 12.52 18.56
N VAL B 39 5.21 11.45 19.35
CA VAL B 39 4.10 10.52 19.60
C VAL B 39 3.31 11.02 20.78
N THR B 40 2.02 11.28 20.60
CA THR B 40 1.21 11.86 21.68
C THR B 40 0.11 10.91 22.19
N ALA B 41 -0.14 9.80 21.52
CA ALA B 41 -1.12 8.86 22.06
C ALA B 41 -0.86 7.53 21.40
N VAL B 42 -1.21 6.46 22.09
CA VAL B 42 -1.08 5.11 21.57
C VAL B 42 -2.30 4.31 22.01
N THR B 43 -2.68 3.35 21.19
CA THR B 43 -3.76 2.41 21.52
CA THR B 43 -3.71 2.39 21.57
C THR B 43 -3.43 1.04 20.92
N ALA B 44 -3.80 -0.04 21.60
CA ALA B 44 -3.58 -1.36 21.00
C ALA B 44 -4.54 -2.35 21.64
N THR B 45 -4.93 -3.37 20.88
CA THR B 45 -5.61 -4.50 21.47
C THR B 45 -4.76 -5.76 21.19
N THR B 46 -4.59 -6.62 22.20
CA THR B 46 -3.66 -7.74 22.10
C THR B 46 -4.20 -9.02 22.76
N SER B 47 -3.46 -10.12 22.57
CA SER B 47 -3.73 -11.41 23.24
C SER B 47 -3.61 -11.31 24.76
N ILE B 48 -2.97 -10.26 25.25
CA ILE B 48 -2.84 -10.08 26.70
C ILE B 48 -3.97 -9.23 27.26
N SER B 49 -4.29 -8.13 26.59
CA SER B 49 -5.27 -7.17 27.12
C SER B 49 -5.90 -6.32 26.03
N PRO B 50 -7.14 -5.87 26.23
CA PRO B 50 -7.61 -4.91 25.23
C PRO B 50 -7.00 -3.52 25.41
N ASP B 51 -6.20 -3.31 26.46
CA ASP B 51 -5.81 -1.99 26.93
C ASP B 51 -4.26 -1.95 26.85
N ILE B 52 -3.66 -1.09 26.00
CA ILE B 52 -2.18 -1.06 25.88
C ILE B 52 -1.44 -0.90 27.22
N GLU B 53 -1.97 -0.09 28.13
CA GLU B 53 -1.34 0.12 29.44
C GLU B 53 -1.31 -1.16 30.27
N SER B 54 -2.36 -1.97 30.20
CA SER B 54 -2.36 -3.29 30.84
C SER B 54 -1.53 -4.36 30.13
N THR B 55 -1.52 -4.33 28.81
CA THR B 55 -0.61 -5.14 28.05
C THR B 55 0.82 -4.90 28.49
N TRP B 56 1.19 -3.62 28.58
CA TRP B 56 2.54 -3.26 28.99
C TRP B 56 2.87 -3.79 30.39
N LYS B 57 1.96 -3.58 31.36
CA LYS B 57 2.18 -4.14 32.70
C LYS B 57 2.30 -5.66 32.67
N GLY B 58 1.46 -6.29 31.86
CA GLY B 58 1.53 -7.74 31.70
C GLY B 58 2.87 -8.22 31.14
N LEU B 59 3.34 -7.56 30.08
CA LEU B 59 4.66 -7.84 29.52
C LEU B 59 5.78 -7.75 30.57
N LEU B 60 5.83 -6.64 31.30
CA LEU B 60 6.80 -6.46 32.37
C LEU B 60 6.71 -7.51 33.48
N ALA B 61 5.55 -8.13 33.66
CA ALA B 61 5.40 -9.14 34.68
C ALA B 61 5.69 -10.54 34.09
N GLY B 62 6.11 -10.57 32.83
CA GLY B 62 6.43 -11.83 32.17
C GLY B 62 5.25 -12.64 31.65
N GLU B 63 4.09 -12.00 31.45
CA GLU B 63 2.93 -12.70 30.90
C GLU B 63 3.07 -12.96 29.40
N SER B 64 2.55 -14.12 29.01
CA SER B 64 2.41 -14.51 27.61
C SER B 64 0.94 -14.49 27.19
N GLY B 65 0.67 -14.13 25.94
CA GLY B 65 -0.70 -14.22 25.39
C GLY B 65 -0.96 -15.50 24.62
N ILE B 66 -0.01 -16.43 24.62
CA ILE B 66 -0.09 -17.55 23.70
C ILE B 66 -0.70 -18.75 24.46
N HIS B 67 -1.80 -19.31 23.97
CA HIS B 67 -2.40 -20.53 24.57
C HIS B 67 -2.79 -21.64 23.59
N ALA B 68 -3.29 -22.76 24.12
CA ALA B 68 -3.87 -23.77 23.27
C ALA B 68 -5.06 -23.12 22.58
N LEU B 69 -5.20 -23.36 21.28
CA LEU B 69 -6.34 -22.84 20.54
C LEU B 69 -7.52 -23.72 20.83
N GLU B 70 -8.61 -23.12 21.28
CA GLU B 70 -9.81 -23.89 21.61
C GLU B 70 -10.82 -23.97 20.46
N ASP B 71 -10.53 -23.30 19.34
CA ASP B 71 -11.48 -23.28 18.22
C ASP B 71 -11.81 -24.66 17.64
N GLU B 72 -13.09 -24.86 17.41
CA GLU B 72 -13.57 -26.07 16.73
CA GLU B 72 -13.60 -26.04 16.70
C GLU B 72 -12.87 -26.26 15.37
N PHE B 73 -12.51 -25.18 14.70
CA PHE B 73 -11.78 -25.38 13.44
C PHE B 73 -10.46 -26.17 13.59
N VAL B 74 -9.85 -26.13 14.77
CA VAL B 74 -8.58 -26.82 14.95
C VAL B 74 -8.79 -28.33 14.85
N THR B 75 -9.82 -28.82 15.54
CA THR B 75 -10.08 -30.25 15.51
C THR B 75 -10.79 -30.66 14.22
N LYS B 76 -11.67 -29.79 13.72
CA LYS B 76 -12.36 -30.04 12.45
C LYS B 76 -11.32 -30.42 11.39
N TRP B 77 -10.23 -29.66 11.32
CA TRP B 77 -9.26 -29.88 10.25
C TRP B 77 -8.03 -30.67 10.67
N ASP B 78 -7.94 -30.99 11.96
CA ASP B 78 -6.72 -31.46 12.63
C ASP B 78 -5.45 -30.70 12.19
N LEU B 79 -5.43 -29.40 12.47
CA LEU B 79 -4.33 -28.53 12.08
C LEU B 79 -3.04 -28.95 12.77
N ALA B 80 -1.93 -28.79 12.07
CA ALA B 80 -0.61 -29.07 12.64
C ALA B 80 -0.30 -28.08 13.77
N VAL B 81 -0.81 -26.86 13.64
CA VAL B 81 -0.56 -25.79 14.59
C VAL B 81 -1.80 -25.66 15.47
N LYS B 82 -1.63 -25.83 16.78
CA LYS B 82 -2.77 -25.89 17.69
C LYS B 82 -2.64 -24.86 18.81
N ILE B 83 -1.83 -23.83 18.56
CA ILE B 83 -1.53 -22.79 19.54
C ILE B 83 -1.59 -21.37 18.93
N GLY B 84 -1.82 -20.38 19.78
CA GLY B 84 -1.77 -18.97 19.33
C GLY B 84 -2.43 -18.05 20.34
N GLY B 85 -2.40 -16.75 20.09
CA GLY B 85 -3.04 -15.80 21.01
C GLY B 85 -4.20 -15.08 20.33
N HIS B 86 -5.44 -15.44 20.69
CA HIS B 86 -6.60 -14.68 20.26
C HIS B 86 -6.58 -13.37 21.08
N LEU B 87 -7.23 -12.32 20.60
CA LEU B 87 -7.48 -11.11 21.40
C LEU B 87 -8.15 -11.51 22.69
N LYS B 88 -7.61 -10.93 23.76
CA LYS B 88 -8.15 -11.07 25.09
C LYS B 88 -9.61 -10.59 25.07
N ASP B 89 -9.82 -9.45 24.43
CA ASP B 89 -11.17 -8.92 24.23
C ASP B 89 -11.50 -8.82 22.72
N PRO B 90 -12.36 -9.73 22.23
CA PRO B 90 -12.74 -9.75 20.82
C PRO B 90 -13.26 -8.39 20.33
N VAL B 91 -12.81 -7.99 19.14
CA VAL B 91 -13.26 -6.74 18.55
C VAL B 91 -14.77 -6.63 18.41
N ASP B 92 -15.42 -7.73 18.01
CA ASP B 92 -16.89 -7.76 17.88
C ASP B 92 -17.72 -7.79 19.16
N SER B 93 -17.10 -7.87 20.34
CA SER B 93 -17.94 -7.66 21.53
C SER B 93 -18.27 -6.15 21.66
N HIS B 94 -17.63 -5.35 20.81
CA HIS B 94 -17.86 -3.92 20.79
C HIS B 94 -18.64 -3.47 19.55
N MET B 95 -19.06 -4.40 18.68
CA MET B 95 -19.57 -3.98 17.39
C MET B 95 -21.12 -4.08 17.31
N GLY B 96 -21.74 -3.03 16.74
CA GLY B 96 -23.15 -3.10 16.35
C GLY B 96 -23.45 -4.12 15.26
N ARG B 97 -24.73 -4.46 15.17
CA ARG B 97 -25.21 -5.52 14.27
C ARG B 97 -25.02 -5.13 12.80
N LEU B 98 -25.21 -3.83 12.52
CA LEU B 98 -25.00 -3.30 11.20
C LEU B 98 -23.54 -3.36 10.81
N ASP B 99 -22.66 -2.91 11.70
CA ASP B 99 -21.23 -2.98 11.41
C ASP B 99 -20.78 -4.42 11.13
N MET B 100 -21.36 -5.41 11.84
CA MET B 100 -20.98 -6.80 11.58
C MET B 100 -21.27 -7.24 10.15
N ARG B 101 -22.22 -6.58 9.49
CA ARG B 101 -22.58 -6.92 8.12
C ARG B 101 -21.93 -6.02 7.08
N ARG B 102 -21.67 -4.77 7.44
CA ARG B 102 -21.33 -3.75 6.45
C ARG B 102 -19.91 -3.19 6.57
N MET B 103 -19.13 -3.79 7.48
CA MET B 103 -17.69 -3.56 7.54
C MET B 103 -17.02 -4.90 7.55
N SER B 104 -15.85 -5.00 6.93
CA SER B 104 -15.00 -6.17 7.14
C SER B 104 -14.40 -6.17 8.55
N TYR B 105 -13.82 -7.30 8.95
CA TYR B 105 -13.21 -7.41 10.27
C TYR B 105 -12.13 -6.35 10.50
N VAL B 106 -11.24 -6.14 9.51
CA VAL B 106 -10.18 -5.15 9.78
C VAL B 106 -10.72 -3.72 9.89
N GLN B 107 -11.81 -3.43 9.17
CA GLN B 107 -12.48 -2.13 9.28
C GLN B 107 -13.08 -1.92 10.68
N ARG B 108 -13.66 -2.98 11.25
CA ARG B 108 -14.24 -2.92 12.59
C ARG B 108 -13.13 -2.72 13.62
N MET B 109 -12.03 -3.45 13.46
CA MET B 109 -10.85 -3.20 14.33
C MET B 109 -10.38 -1.75 14.15
N GLY B 110 -10.33 -1.26 12.92
CA GLY B 110 -9.87 0.12 12.75
C GLY B 110 -10.76 1.17 13.43
N LYS B 111 -12.06 1.03 13.23
CA LYS B 111 -13.07 1.85 13.86
C LYS B 111 -12.92 1.83 15.38
N LEU B 112 -12.77 0.64 15.96
CA LEU B 112 -12.66 0.50 17.42
C LEU B 112 -11.42 1.23 17.93
N LEU B 113 -10.27 0.97 17.30
CA LEU B 113 -8.98 1.46 17.75
C LEU B 113 -8.87 2.96 17.48
N GLY B 114 -9.37 3.38 16.32
CA GLY B 114 -9.39 4.80 15.94
C GLY B 114 -10.19 5.63 16.94
N GLY B 115 -11.39 5.18 17.30
CA GLY B 115 -12.18 5.85 18.34
C GLY B 115 -11.44 5.86 19.68
N GLN B 116 -10.88 4.72 20.07
CA GLN B 116 -10.18 4.69 21.36
C GLN B 116 -8.96 5.64 21.38
N LEU B 117 -8.15 5.63 20.31
CA LEU B 117 -7.00 6.54 20.19
C LEU B 117 -7.40 8.01 20.31
N TRP B 118 -8.41 8.43 19.57
CA TRP B 118 -8.85 9.81 19.60
C TRP B 118 -9.29 10.27 21.00
N GLU B 119 -10.07 9.42 21.66
CA GLU B 119 -10.51 9.70 23.01
C GLU B 119 -9.32 9.77 23.96
N SER B 120 -8.32 8.91 23.74
CA SER B 120 -7.12 8.91 24.57
C SER B 120 -6.36 10.22 24.40
N ALA B 121 -6.35 10.74 23.17
CA ALA B 121 -5.65 11.98 22.91
C ALA B 121 -6.38 13.24 23.36
N GLY B 122 -7.54 13.11 24.01
CA GLY B 122 -8.30 14.27 24.44
C GLY B 122 -9.29 14.73 23.37
N SER B 123 -9.53 13.88 22.37
CA SER B 123 -10.45 14.25 21.27
C SER B 123 -10.11 15.62 20.67
N PRO B 124 -8.88 15.81 20.20
CA PRO B 124 -8.45 17.17 19.86
C PRO B 124 -9.15 17.71 18.61
N GLU B 125 -9.34 19.02 18.53
CA GLU B 125 -9.90 19.63 17.34
C GLU B 125 -8.75 20.03 16.42
N VAL B 126 -8.46 19.21 15.41
CA VAL B 126 -7.35 19.50 14.53
C VAL B 126 -7.91 20.10 13.23
N ASP B 127 -7.03 20.70 12.46
CA ASP B 127 -7.38 21.15 11.14
C ASP B 127 -7.45 19.89 10.28
N PRO B 128 -8.66 19.53 9.82
CA PRO B 128 -8.76 18.33 8.97
C PRO B 128 -7.83 18.34 7.76
N ASP B 129 -7.61 19.51 7.17
CA ASP B 129 -6.76 19.66 5.98
C ASP B 129 -5.27 19.48 6.30
N ARG B 130 -4.91 19.31 7.57
CA ARG B 130 -3.52 19.04 7.95
C ARG B 130 -3.39 17.70 8.66
N PHE B 131 -4.42 16.86 8.57
CA PHE B 131 -4.56 15.62 9.34
C PHE B 131 -4.62 14.43 8.39
N ALA B 132 -3.62 13.53 8.45
CA ALA B 132 -3.49 12.35 7.57
C ALA B 132 -3.74 11.07 8.37
N VAL B 133 -4.07 10.00 7.66
CA VAL B 133 -4.17 8.68 8.28
C VAL B 133 -3.31 7.72 7.45
N VAL B 134 -2.50 6.89 8.09
CA VAL B 134 -1.75 5.86 7.32
C VAL B 134 -1.85 4.57 8.13
N VAL B 135 -2.52 3.55 7.58
CA VAL B 135 -2.70 2.33 8.34
C VAL B 135 -2.43 1.17 7.40
N GLY B 136 -1.47 0.31 7.76
CA GLY B 136 -1.17 -0.88 6.97
C GLY B 136 -1.98 -2.06 7.43
N THR B 137 -1.99 -3.09 6.59
CA THR B 137 -2.62 -4.38 6.91
C THR B 137 -2.06 -5.41 5.93
N GLY B 138 -2.15 -6.70 6.26
CA GLY B 138 -1.53 -7.75 5.43
C GLY B 138 -2.35 -8.01 4.18
N LEU B 139 -3.68 -7.98 4.29
CA LEU B 139 -4.53 -8.43 3.18
C LEU B 139 -5.78 -7.56 2.95
N GLY B 140 -6.58 -7.33 3.98
CA GLY B 140 -7.80 -6.52 3.78
C GLY B 140 -9.02 -7.29 4.23
N GLY B 141 -10.17 -7.04 3.61
CA GLY B 141 -11.41 -7.67 4.09
C GLY B 141 -11.64 -8.98 3.37
N ALA B 142 -10.69 -9.91 3.49
CA ALA B 142 -10.66 -11.04 2.61
C ALA B 142 -11.80 -12.02 2.92
N GLU B 143 -12.32 -11.99 4.15
CA GLU B 143 -13.47 -12.88 4.44
C GLU B 143 -14.65 -12.49 3.56
N ARG B 144 -14.75 -11.23 3.14
CA ARG B 144 -15.86 -10.83 2.27
C ARG B 144 -15.66 -11.31 0.84
N ILE B 145 -14.41 -11.55 0.44
CA ILE B 145 -14.13 -12.19 -0.85
C ILE B 145 -14.72 -13.58 -0.86
N VAL B 146 -14.41 -14.39 0.15
CA VAL B 146 -14.92 -15.77 0.09
C VAL B 146 -16.45 -15.79 0.29
N GLU B 147 -16.98 -14.88 1.09
CA GLU B 147 -18.44 -14.84 1.30
CA GLU B 147 -18.44 -14.75 1.31
C GLU B 147 -19.18 -14.42 0.02
N SER B 148 -18.63 -13.46 -0.72
CA SER B 148 -19.22 -13.03 -2.00
C SER B 148 -19.21 -14.17 -3.01
N TYR B 149 -18.05 -14.81 -3.09
CA TYR B 149 -17.87 -15.95 -3.97
C TYR B 149 -18.93 -17.01 -3.69
N ASP B 150 -19.05 -17.43 -2.44
CA ASP B 150 -20.07 -18.43 -2.09
C ASP B 150 -21.50 -17.96 -2.37
N LEU B 151 -21.78 -16.70 -2.10
CA LEU B 151 -23.14 -16.17 -2.26
C LEU B 151 -23.51 -16.18 -3.73
N MET B 152 -22.56 -15.78 -4.56
CA MET B 152 -22.81 -15.78 -6.01
C MET B 152 -22.93 -17.20 -6.55
N ASN B 153 -22.04 -18.09 -6.10
CA ASN B 153 -22.07 -19.45 -6.59
C ASN B 153 -23.41 -20.08 -6.27
N ALA B 154 -23.93 -19.81 -5.07
CA ALA B 154 -25.20 -20.41 -4.69
C ALA B 154 -26.41 -19.70 -5.29
N GLY B 155 -26.36 -18.39 -5.50
CA GLY B 155 -27.60 -17.74 -5.93
C GLY B 155 -27.49 -16.70 -7.03
N GLY B 156 -26.30 -16.50 -7.59
CA GLY B 156 -26.19 -15.61 -8.74
C GLY B 156 -25.57 -14.27 -8.37
N PRO B 157 -25.24 -13.45 -9.39
CA PRO B 157 -24.46 -12.21 -9.22
C PRO B 157 -25.23 -11.18 -8.40
N ARG B 158 -26.56 -11.27 -8.39
CA ARG B 158 -27.32 -10.24 -7.73
C ARG B 158 -27.50 -10.56 -6.23
N LYS B 159 -26.84 -11.62 -5.77
CA LYS B 159 -26.77 -11.88 -4.32
C LYS B 159 -25.57 -11.27 -3.60
N VAL B 160 -24.61 -10.74 -4.37
CA VAL B 160 -23.41 -10.13 -3.83
C VAL B 160 -23.81 -8.81 -3.16
N SER B 161 -23.23 -8.51 -2.02
CA SER B 161 -23.58 -7.28 -1.32
C SER B 161 -23.16 -6.03 -2.10
N PRO B 162 -23.99 -4.96 -2.08
CA PRO B 162 -23.56 -3.67 -2.65
C PRO B 162 -22.40 -3.05 -1.88
N LEU B 163 -22.10 -3.58 -0.70
CA LEU B 163 -21.03 -3.08 0.15
CA LEU B 163 -21.02 -3.04 0.11
C LEU B 163 -19.75 -3.89 -0.01
N ALA B 164 -19.79 -4.95 -0.80
CA ALA B 164 -18.67 -5.87 -0.86
C ALA B 164 -17.36 -5.19 -1.26
N VAL B 165 -17.39 -4.36 -2.32
CA VAL B 165 -16.14 -3.73 -2.77
C VAL B 165 -15.48 -2.88 -1.68
N GLN B 166 -16.27 -2.10 -0.96
CA GLN B 166 -15.69 -1.17 -0.01
C GLN B 166 -15.29 -1.89 1.25
N MET B 167 -15.85 -3.08 1.51
CA MET B 167 -15.38 -3.91 2.64
C MET B 167 -14.11 -4.69 2.29
N ILE B 168 -13.97 -5.08 1.02
CA ILE B 168 -12.87 -5.95 0.58
C ILE B 168 -11.57 -5.17 0.35
N MET B 169 -11.68 -3.96 -0.18
CA MET B 169 -10.49 -3.24 -0.70
C MET B 169 -9.51 -3.06 0.46
N PRO B 170 -8.22 -3.30 0.21
CA PRO B 170 -7.23 -3.35 1.30
C PRO B 170 -7.01 -1.99 1.96
N ASN B 171 -7.32 -0.90 1.26
CA ASN B 171 -7.30 0.45 1.87
C ASN B 171 -8.54 0.71 2.77
N GLY B 172 -9.44 -0.26 2.85
CA GLY B 172 -10.70 -0.08 3.55
C GLY B 172 -10.59 0.28 5.02
N ALA B 173 -9.63 -0.29 5.75
CA ALA B 173 -9.50 0.05 7.17
C ALA B 173 -9.01 1.50 7.37
N ALA B 174 -7.94 1.89 6.66
CA ALA B 174 -7.45 3.25 6.68
C ALA B 174 -8.56 4.21 6.28
N ALA B 175 -9.34 3.85 5.27
CA ALA B 175 -10.34 4.82 4.82
C ALA B 175 -11.46 4.98 5.84
N VAL B 176 -11.84 3.88 6.48
CA VAL B 176 -12.85 3.95 7.59
C VAL B 176 -12.38 4.93 8.68
N ILE B 177 -11.11 4.80 9.06
CA ILE B 177 -10.55 5.62 10.13
C ILE B 177 -10.48 7.07 9.64
N GLY B 178 -10.13 7.30 8.36
CA GLY B 178 -10.00 8.69 7.88
C GLY B 178 -11.35 9.39 7.84
N LEU B 179 -12.36 8.63 7.48
CA LEU B 179 -13.71 9.16 7.42
C LEU B 179 -14.23 9.38 8.83
N GLN B 180 -13.96 8.42 9.71
CA GLN B 180 -14.44 8.53 11.08
C GLN B 180 -13.84 9.75 11.78
N LEU B 181 -12.54 9.97 11.60
CA LEU B 181 -11.86 11.04 12.36
C LEU B 181 -11.72 12.35 11.61
N GLY B 182 -12.01 12.33 10.30
CA GLY B 182 -12.09 13.54 9.49
C GLY B 182 -10.76 13.94 8.84
N ALA B 183 -9.94 12.97 8.46
CA ALA B 183 -8.60 13.26 7.91
C ALA B 183 -8.68 13.63 6.43
N ARG B 184 -8.20 14.82 6.09
CA ARG B 184 -8.28 15.32 4.70
C ARG B 184 -6.90 15.60 4.06
N ALA B 185 -5.82 15.40 4.81
CA ALA B 185 -4.47 15.48 4.24
C ALA B 185 -3.90 14.14 3.77
N GLY B 186 -4.73 13.16 3.40
CA GLY B 186 -4.21 11.95 2.78
C GLY B 186 -4.58 10.73 3.60
N VAL B 187 -5.07 9.67 2.96
CA VAL B 187 -5.35 8.44 3.69
C VAL B 187 -4.63 7.34 2.93
N MET B 188 -3.63 6.73 3.56
CA MET B 188 -2.72 5.85 2.82
C MET B 188 -2.62 4.47 3.47
N THR B 189 -2.42 3.44 2.63
CA THR B 189 -2.28 2.03 3.06
C THR B 189 -1.09 1.43 2.33
N PRO B 190 0.09 1.40 2.98
CA PRO B 190 1.24 0.67 2.46
C PRO B 190 1.12 -0.81 2.82
N VAL B 191 1.30 -1.69 1.85
CA VAL B 191 1.26 -3.14 2.08
CA VAL B 191 1.26 -3.13 2.11
C VAL B 191 2.64 -3.74 1.81
N SER B 192 3.23 -4.34 2.84
CA SER B 192 4.54 -4.95 2.74
C SER B 192 4.51 -6.16 3.70
N ALA B 193 3.40 -6.89 3.68
CA ALA B 193 3.25 -8.12 4.45
C ALA B 193 3.59 -7.85 5.93
N GLN B 194 4.55 -8.57 6.50
CA GLN B 194 4.76 -8.49 7.95
C GLN B 194 5.43 -7.17 8.37
N SER B 195 5.87 -6.35 7.43
CA SER B 195 6.37 -5.04 7.87
C SER B 195 5.35 -3.88 7.69
N SER B 196 4.11 -4.20 7.30
CA SER B 196 3.16 -3.14 6.90
C SER B 196 2.90 -2.15 8.02
N GLY B 197 2.85 -2.63 9.27
CA GLY B 197 2.40 -1.74 10.35
C GLY B 197 3.46 -0.71 10.70
N SER B 198 4.72 -1.11 10.56
CA SER B 198 5.80 -0.15 10.68
C SER B 198 5.92 0.72 9.44
N GLU B 199 5.70 0.13 8.26
CA GLU B 199 5.82 0.98 7.09
C GLU B 199 4.81 2.15 7.15
N ALA B 200 3.61 1.88 7.63
CA ALA B 200 2.58 2.91 7.75
C ALA B 200 3.09 4.10 8.59
N ILE B 201 3.69 3.82 9.75
CA ILE B 201 4.27 4.88 10.58
C ILE B 201 5.40 5.62 9.82
N ALA B 202 6.28 4.89 9.12
CA ALA B 202 7.25 5.54 8.22
C ALA B 202 6.61 6.52 7.26
N HIS B 203 5.55 6.11 6.55
CA HIS B 203 4.98 7.05 5.56
C HIS B 203 4.23 8.21 6.21
N ALA B 204 3.64 7.97 7.37
CA ALA B 204 3.03 9.07 8.14
C ALA B 204 4.09 10.11 8.53
N TRP B 205 5.26 9.63 8.95
CA TRP B 205 6.35 10.54 9.32
C TRP B 205 6.77 11.31 8.05
N ARG B 206 6.89 10.62 6.91
CA ARG B 206 7.26 11.34 5.67
C ARG B 206 6.23 12.41 5.29
N GLN B 207 4.96 12.10 5.49
CA GLN B 207 3.87 12.98 5.08
C GLN B 207 3.98 14.29 5.92
N ILE B 208 4.35 14.14 7.18
CA ILE B 208 4.56 15.30 8.06
C ILE B 208 5.85 16.06 7.78
N VAL B 209 6.96 15.34 7.65
CA VAL B 209 8.21 16.08 7.44
C VAL B 209 8.28 16.68 6.03
N MET B 210 7.54 16.17 5.04
CA MET B 210 7.51 16.81 3.71
C MET B 210 6.55 18.02 3.66
N GLY B 211 5.81 18.24 4.75
CA GLY B 211 5.00 19.43 4.88
C GLY B 211 3.54 19.24 4.45
N ASP B 212 3.14 17.99 4.17
CA ASP B 212 1.75 17.69 3.78
C ASP B 212 0.76 17.56 4.94
N ALA B 213 1.25 17.38 6.17
CA ALA B 213 0.34 17.25 7.32
C ALA B 213 1.08 17.65 8.56
N ASP B 214 0.34 17.98 9.61
CA ASP B 214 0.92 18.31 10.90
C ASP B 214 0.59 17.23 11.93
N VAL B 215 -0.36 16.36 11.62
CA VAL B 215 -0.82 15.34 12.58
C VAL B 215 -1.27 14.12 11.79
N ALA B 216 -1.05 12.91 12.30
CA ALA B 216 -1.41 11.71 11.56
C ALA B 216 -1.73 10.60 12.53
N VAL B 217 -2.81 9.89 12.23
CA VAL B 217 -3.05 8.62 12.90
C VAL B 217 -2.41 7.52 12.05
N CYS B 218 -1.63 6.64 12.68
CA CYS B 218 -0.92 5.64 11.90
C CYS B 218 -0.72 4.32 12.64
N GLY B 219 -0.59 3.23 11.90
CA GLY B 219 -0.31 1.95 12.57
C GLY B 219 -0.80 0.83 11.68
N GLY B 220 -1.31 -0.23 12.29
CA GLY B 220 -1.68 -1.40 11.49
C GLY B 220 -2.79 -2.18 12.16
N VAL B 221 -3.58 -2.88 11.34
CA VAL B 221 -4.64 -3.78 11.80
C VAL B 221 -4.50 -5.09 11.03
N GLU B 222 -5.04 -6.16 11.58
CA GLU B 222 -4.90 -7.47 10.97
C GLU B 222 -6.07 -8.33 11.40
N GLY B 223 -6.40 -9.32 10.58
CA GLY B 223 -7.49 -10.23 10.93
C GLY B 223 -7.14 -11.21 12.05
N PRO B 224 -8.12 -12.03 12.47
CA PRO B 224 -7.91 -12.97 13.56
C PRO B 224 -7.36 -14.30 13.05
N ILE B 225 -6.95 -15.19 13.96
CA ILE B 225 -6.48 -16.53 13.63
C ILE B 225 -7.65 -17.34 13.12
N GLU B 226 -7.52 -17.93 11.94
CA GLU B 226 -8.58 -18.77 11.41
C GLU B 226 -7.92 -19.97 10.71
N ALA B 227 -8.75 -20.92 10.33
CA ALA B 227 -8.26 -22.17 9.74
C ALA B 227 -7.43 -21.98 8.46
N LEU B 228 -7.95 -21.24 7.48
CA LEU B 228 -7.25 -21.11 6.21
C LEU B 228 -5.92 -20.32 6.32
N PRO B 229 -5.88 -19.22 7.12
CA PRO B 229 -4.54 -18.64 7.32
C PRO B 229 -3.54 -19.54 8.04
N ILE B 230 -4.01 -20.34 9.01
CA ILE B 230 -3.11 -21.33 9.60
C ILE B 230 -2.68 -22.33 8.54
N ALA B 231 -3.59 -22.84 7.71
CA ALA B 231 -3.17 -23.83 6.70
C ALA B 231 -2.09 -23.22 5.80
N ALA B 232 -2.33 -22.01 5.29
CA ALA B 232 -1.43 -21.44 4.28
C ALA B 232 -0.02 -21.20 4.82
N PHE B 233 0.05 -20.58 6.01
CA PHE B 233 1.36 -20.31 6.64
C PHE B 233 2.04 -21.60 7.11
N SER B 234 1.26 -22.52 7.66
CA SER B 234 1.89 -23.73 8.15
C SER B 234 2.37 -24.63 7.01
N MET B 235 1.75 -24.55 5.83
CA MET B 235 2.28 -25.28 4.66
C MET B 235 3.62 -24.73 4.18
N MET B 236 3.96 -23.51 4.59
CA MET B 236 5.30 -22.96 4.43
C MET B 236 6.35 -23.51 5.39
N ARG B 237 5.91 -24.26 6.40
CA ARG B 237 6.83 -24.79 7.41
C ARG B 237 7.53 -23.71 8.26
N ALA B 238 6.86 -22.56 8.37
CA ALA B 238 7.35 -21.39 9.10
C ALA B 238 6.97 -21.40 10.59
N MET B 239 6.00 -22.22 10.97
CA MET B 239 5.30 -22.01 12.24
C MET B 239 5.79 -23.01 13.28
N SER B 240 5.91 -22.56 14.51
CA SER B 240 6.09 -23.49 15.63
C SER B 240 4.96 -24.51 15.70
N THR B 241 5.33 -25.74 16.06
CA THR B 241 4.34 -26.73 16.38
C THR B 241 4.62 -27.34 17.73
N ARG B 242 5.18 -26.56 18.64
CA ARG B 242 5.31 -26.98 20.02
C ARG B 242 3.97 -26.89 20.75
N ASN B 243 3.03 -27.73 20.34
CA ASN B 243 1.64 -27.58 20.81
C ASN B 243 1.48 -27.95 22.27
N ASP B 244 2.38 -28.78 22.80
CA ASP B 244 2.26 -29.27 24.17
CA ASP B 244 2.27 -29.27 24.18
C ASP B 244 2.60 -28.19 25.23
N GLU B 245 3.32 -27.14 24.83
CA GLU B 245 3.65 -26.07 25.77
C GLU B 245 3.51 -24.69 25.14
N PRO B 246 2.28 -24.17 25.04
CA PRO B 246 2.03 -23.02 24.16
C PRO B 246 2.82 -21.76 24.54
N GLU B 247 2.92 -21.45 25.84
CA GLU B 247 3.61 -20.24 26.27
CA GLU B 247 3.61 -20.26 26.31
C GLU B 247 5.11 -20.39 26.05
N ARG B 248 5.58 -21.62 25.80
CA ARG B 248 7.00 -21.84 25.55
C ARG B 248 7.33 -21.96 24.06
N ALA B 249 6.34 -21.75 23.20
CA ALA B 249 6.56 -22.07 21.79
C ALA B 249 7.33 -20.96 21.04
N SER B 250 7.05 -19.70 21.38
CA SER B 250 7.64 -18.59 20.64
C SER B 250 8.99 -18.20 21.28
N ARG B 251 10.09 -18.53 20.60
CA ARG B 251 11.42 -18.52 21.21
C ARG B 251 12.43 -17.71 20.39
N PRO B 252 12.15 -16.44 20.13
CA PRO B 252 13.07 -15.71 19.24
C PRO B 252 14.50 -15.61 19.80
N PHE B 253 15.47 -15.83 18.91
CA PHE B 253 16.89 -15.88 19.25
C PHE B 253 17.36 -17.02 20.17
N ASP B 254 16.42 -17.87 20.61
CA ASP B 254 16.78 -19.04 21.42
C ASP B 254 17.27 -20.14 20.49
N LYS B 255 18.24 -20.89 20.98
CA LYS B 255 18.84 -21.97 20.20
C LYS B 255 17.82 -23.02 19.77
N ASP B 256 16.76 -23.22 20.55
CA ASP B 256 15.79 -24.24 20.19
C ASP B 256 14.51 -23.71 19.59
N ARG B 257 14.53 -22.49 19.02
CA ARG B 257 13.38 -21.97 18.30
C ARG B 257 12.97 -22.89 17.14
N ASP B 258 11.68 -22.90 16.81
CA ASP B 258 11.20 -23.73 15.71
C ASP B 258 10.10 -23.04 14.90
N GLY B 259 10.12 -21.71 14.84
CA GLY B 259 9.18 -20.99 13.99
C GLY B 259 8.26 -20.06 14.75
N PHE B 260 7.44 -19.30 14.02
CA PHE B 260 6.66 -18.27 14.68
C PHE B 260 5.32 -18.77 15.18
N VAL B 261 4.71 -17.95 16.03
CA VAL B 261 3.37 -18.23 16.56
C VAL B 261 2.47 -17.02 16.27
N PHE B 262 1.21 -17.28 15.87
CA PHE B 262 0.25 -16.21 15.61
C PHE B 262 -0.15 -15.62 16.97
N GLY B 263 -0.22 -14.29 17.04
CA GLY B 263 -0.85 -13.67 18.18
C GLY B 263 -1.55 -12.42 17.64
N GLU B 264 -2.86 -12.36 17.83
CA GLU B 264 -3.67 -11.26 17.23
C GLU B 264 -3.35 -9.90 17.88
N ALA B 265 -3.45 -8.83 17.08
CA ALA B 265 -3.27 -7.47 17.56
C ALA B 265 -3.80 -6.47 16.55
N GLY B 266 -3.96 -5.24 17.02
CA GLY B 266 -4.07 -4.07 16.17
C GLY B 266 -3.44 -2.96 17.01
N ALA B 267 -2.85 -1.94 16.38
CA ALA B 267 -2.23 -0.82 17.13
C ALA B 267 -2.18 0.42 16.25
N LEU B 268 -2.50 1.57 16.88
CA LEU B 268 -2.46 2.87 16.23
C LEU B 268 -1.70 3.82 17.16
N MET B 269 -1.01 4.80 16.58
CA MET B 269 -0.46 5.87 17.39
C MET B 269 -0.83 7.20 16.76
N LEU B 270 -0.86 8.25 17.58
CA LEU B 270 -1.01 9.62 17.09
C LEU B 270 0.35 10.30 17.08
N ILE B 271 0.77 10.84 15.93
CA ILE B 271 2.02 11.59 15.87
C ILE B 271 1.64 12.99 15.37
N GLU B 272 2.43 14.00 15.69
CA GLU B 272 2.17 15.36 15.21
C GLU B 272 3.46 16.13 15.41
N THR B 273 3.61 17.27 14.73
CA THR B 273 4.81 18.08 14.95
C THR B 273 4.85 18.50 16.42
N GLU B 274 6.04 18.68 16.95
CA GLU B 274 6.17 19.10 18.35
C GLU B 274 5.49 20.48 18.58
N GLU B 275 5.52 21.33 17.55
CA GLU B 275 4.82 22.63 17.54
CA GLU B 275 4.85 22.62 17.70
C GLU B 275 3.32 22.46 17.75
N HIS B 276 2.76 21.52 16.99
CA HIS B 276 1.34 21.20 17.06
C HIS B 276 0.95 20.65 18.46
N ALA B 277 1.74 19.71 18.96
CA ALA B 277 1.49 19.12 20.27
C ALA B 277 1.56 20.20 21.34
N LYS B 278 2.57 21.06 21.27
CA LYS B 278 2.73 22.13 22.27
C LYS B 278 1.53 23.08 22.24
N ALA B 279 1.07 23.45 21.04
CA ALA B 279 -0.02 24.42 20.95
C ALA B 279 -1.31 23.90 21.58
N ARG B 280 -1.50 22.58 21.65
CA ARG B 280 -2.73 22.05 22.23
C ARG B 280 -2.50 21.42 23.60
N GLY B 281 -1.28 21.55 24.11
CA GLY B 281 -0.99 21.14 25.47
C GLY B 281 -0.88 19.64 25.64
N ALA B 282 -0.63 18.88 24.57
CA ALA B 282 -0.49 17.42 24.64
C ALA B 282 0.89 17.01 25.17
N LYS B 283 0.96 16.01 26.02
CA LYS B 283 2.27 15.57 26.50
C LYS B 283 2.89 14.45 25.66
N PRO B 284 4.05 14.73 25.04
CA PRO B 284 4.60 13.67 24.18
C PRO B 284 5.03 12.43 24.98
N LEU B 285 4.82 11.24 24.39
CA LEU B 285 5.28 9.96 24.93
C LEU B 285 6.70 9.64 24.46
N ALA B 286 7.10 10.22 23.32
CA ALA B 286 8.40 9.96 22.69
C ALA B 286 8.52 10.82 21.42
N ARG B 287 9.62 10.67 20.70
CA ARG B 287 9.87 11.36 19.41
C ARG B 287 9.99 10.28 18.35
N LEU B 288 9.40 10.52 17.17
CA LEU B 288 9.67 9.66 16.03
C LEU B 288 10.68 10.43 15.20
N LEU B 289 11.91 9.89 15.07
CA LEU B 289 13.05 10.68 14.57
C LEU B 289 13.36 10.45 13.10
N GLY B 290 13.08 9.25 12.57
CA GLY B 290 13.51 8.94 11.20
C GLY B 290 13.04 7.56 10.81
N ALA B 291 13.02 7.23 9.53
CA ALA B 291 12.46 5.92 9.06
C ALA B 291 13.27 5.44 7.87
N GLY B 292 13.75 4.20 7.85
CA GLY B 292 14.42 3.75 6.64
C GLY B 292 13.64 2.60 6.00
N ILE B 293 13.49 2.64 4.68
CA ILE B 293 12.85 1.56 3.95
C ILE B 293 13.80 1.03 2.85
N THR B 294 14.13 -0.25 2.86
CA THR B 294 14.97 -0.81 1.80
C THR B 294 14.35 -2.15 1.43
N SER B 295 15.01 -2.88 0.52
CA SER B 295 14.51 -4.16 0.11
C SER B 295 15.70 -5.10 -0.14
N ASP B 296 15.48 -6.41 -0.10
CA ASP B 296 16.62 -7.35 -0.20
C ASP B 296 17.04 -7.71 -1.65
N ALA B 297 16.06 -7.73 -2.55
CA ALA B 297 16.12 -8.50 -3.82
C ALA B 297 16.86 -9.83 -3.67
N PHE B 298 16.33 -10.65 -2.75
CA PHE B 298 16.99 -11.92 -2.46
C PHE B 298 16.02 -13.09 -2.70
N HIS B 299 14.96 -13.18 -1.90
CA HIS B 299 14.02 -14.29 -2.02
C HIS B 299 12.65 -13.78 -1.57
N MET B 300 11.60 -14.31 -2.16
CA MET B 300 10.24 -13.91 -1.79
C MET B 300 9.90 -14.19 -0.31
N VAL B 301 10.35 -15.32 0.22
CA VAL B 301 9.93 -15.71 1.56
C VAL B 301 11.10 -16.08 2.48
N ALA B 302 12.32 -15.65 2.18
CA ALA B 302 13.39 -15.80 3.15
C ALA B 302 14.15 -14.48 3.11
N PRO B 303 14.55 -14.00 4.29
CA PRO B 303 15.39 -12.80 4.30
C PRO B 303 16.82 -13.08 3.83
N ALA B 304 17.50 -12.08 3.28
CA ALA B 304 18.91 -12.25 2.88
C ALA B 304 19.75 -12.64 4.11
N ALA B 305 20.60 -13.65 4.00
CA ALA B 305 21.33 -14.13 5.16
C ALA B 305 22.35 -13.09 5.69
N ASP B 306 22.89 -12.28 4.78
CA ASP B 306 23.96 -11.36 5.17
C ASP B 306 23.41 -10.16 5.97
N GLY B 307 22.09 -9.95 5.99
CA GLY B 307 21.54 -8.86 6.79
C GLY B 307 21.89 -7.46 6.28
N VAL B 308 22.48 -7.36 5.09
CA VAL B 308 23.05 -6.09 4.62
C VAL B 308 21.99 -5.01 4.30
N ARG B 309 21.02 -5.35 3.47
CA ARG B 309 19.97 -4.37 3.13
C ARG B 309 19.13 -4.08 4.37
N ALA B 310 18.90 -5.09 5.21
CA ALA B 310 18.09 -4.87 6.41
C ALA B 310 18.86 -3.94 7.35
N GLY B 311 20.18 -4.14 7.47
CA GLY B 311 20.96 -3.18 8.28
C GLY B 311 20.95 -1.78 7.67
N ARG B 312 20.91 -1.70 6.35
CA ARG B 312 20.86 -0.38 5.67
C ARG B 312 19.55 0.32 6.04
N ALA B 313 18.43 -0.41 6.14
CA ALA B 313 17.22 0.26 6.62
C ALA B 313 17.43 0.92 8.00
N MET B 314 18.09 0.19 8.91
CA MET B 314 18.41 0.77 10.21
C MET B 314 19.31 2.00 10.10
N THR B 315 20.41 1.88 9.34
CA THR B 315 21.33 2.99 9.11
CA THR B 315 21.30 3.03 9.20
C THR B 315 20.60 4.22 8.54
N ARG B 316 19.71 3.98 7.59
CA ARG B 316 19.01 5.09 6.92
C ARG B 316 18.12 5.82 7.94
N SER B 317 17.48 5.08 8.84
CA SER B 317 16.65 5.74 9.85
C SER B 317 17.53 6.61 10.74
N LEU B 318 18.75 6.15 11.04
CA LEU B 318 19.71 6.94 11.82
C LEU B 318 20.17 8.19 11.07
N GLU B 319 20.49 8.05 9.78
CA GLU B 319 20.85 9.19 8.94
C GLU B 319 19.78 10.28 8.99
N LEU B 320 18.53 9.88 8.77
CA LEU B 320 17.42 10.85 8.77
C LEU B 320 17.21 11.41 10.18
N ALA B 321 17.47 10.62 11.21
CA ALA B 321 17.33 11.13 12.58
C ALA B 321 18.48 12.09 12.94
N GLY B 322 19.62 11.88 12.28
CA GLY B 322 20.86 12.57 12.62
C GLY B 322 21.55 11.87 13.79
N LEU B 323 21.45 10.54 13.88
CA LEU B 323 22.08 9.78 14.96
C LEU B 323 23.21 8.94 14.40
N SER B 324 24.11 8.51 15.26
CA SER B 324 25.07 7.50 14.90
C SER B 324 24.67 6.18 15.59
N PRO B 325 25.12 5.05 15.05
CA PRO B 325 24.78 3.77 15.69
C PRO B 325 25.29 3.67 17.14
N ALA B 326 26.40 4.35 17.48
CA ALA B 326 26.87 4.41 18.88
C ALA B 326 25.84 5.08 19.82
N ASP B 327 24.88 5.85 19.28
CA ASP B 327 23.84 6.46 20.14
C ASP B 327 22.73 5.47 20.56
N ILE B 328 22.61 4.38 19.81
CA ILE B 328 21.47 3.46 19.98
C ILE B 328 21.57 2.61 21.25
N ASP B 329 20.57 2.76 22.10
CA ASP B 329 20.49 2.02 23.37
C ASP B 329 19.77 0.70 23.25
N HIS B 330 18.84 0.65 22.31
CA HIS B 330 17.83 -0.39 22.35
C HIS B 330 17.36 -0.75 20.94
N VAL B 331 17.22 -2.05 20.65
CA VAL B 331 16.60 -2.47 19.35
C VAL B 331 15.41 -3.36 19.68
N ASN B 332 14.23 -2.98 19.20
CA ASN B 332 13.05 -3.85 19.27
C ASN B 332 13.02 -4.69 17.99
N ALA B 333 13.44 -5.95 18.16
CA ALA B 333 13.76 -6.80 17.04
C ALA B 333 12.44 -7.27 16.43
N HIS B 334 12.47 -7.49 15.11
CA HIS B 334 11.36 -8.16 14.49
C HIS B 334 11.22 -9.61 15.00
N GLY B 335 12.35 -10.31 15.13
CA GLY B 335 12.46 -11.49 16.01
C GLY B 335 11.25 -12.43 15.94
N THR B 336 11.08 -13.07 14.79
CA THR B 336 9.97 -13.99 14.60
C THR B 336 10.09 -15.36 15.24
N ALA B 337 11.32 -15.76 15.61
CA ALA B 337 11.64 -17.10 16.11
C ALA B 337 11.78 -18.15 15.02
N THR B 338 11.79 -17.74 13.75
CA THR B 338 12.26 -18.71 12.76
C THR B 338 13.79 -18.86 12.85
N PRO B 339 14.33 -20.05 12.51
CA PRO B 339 15.79 -20.22 12.49
C PRO B 339 16.50 -19.23 11.57
N ILE B 340 16.06 -19.15 10.33
CA ILE B 340 16.65 -18.29 9.31
C ILE B 340 16.46 -16.79 9.58
N GLY B 341 15.26 -16.43 10.04
CA GLY B 341 14.90 -15.04 10.28
C GLY B 341 15.74 -14.36 11.36
N ASP B 342 15.82 -14.98 12.54
CA ASP B 342 16.51 -14.38 13.68
C ASP B 342 17.99 -14.29 13.30
N ALA B 343 18.51 -15.26 12.54
CA ALA B 343 19.95 -15.26 12.28
C ALA B 343 20.26 -14.12 11.33
N ALA B 344 19.36 -13.87 10.39
CA ALA B 344 19.56 -12.82 9.38
C ALA B 344 19.49 -11.47 10.07
N GLU B 345 18.54 -11.33 11.00
CA GLU B 345 18.36 -10.06 11.72
C GLU B 345 19.58 -9.73 12.62
N ALA B 346 20.14 -10.75 13.28
CA ALA B 346 21.34 -10.52 14.08
C ALA B 346 22.47 -10.02 13.18
N ASN B 347 22.61 -10.61 12.00
CA ASN B 347 23.59 -10.07 11.04
C ASN B 347 23.26 -8.63 10.67
N ALA B 348 21.97 -8.33 10.46
CA ALA B 348 21.57 -6.99 10.12
C ALA B 348 21.94 -5.96 11.21
N ILE B 349 21.64 -6.30 12.46
CA ILE B 349 21.99 -5.48 13.60
C ILE B 349 23.51 -5.25 13.68
N ARG B 350 24.29 -6.28 13.41
CA ARG B 350 25.75 -6.07 13.27
C ARG B 350 26.11 -5.12 12.12
N VAL B 351 25.54 -5.32 10.94
CA VAL B 351 25.86 -4.44 9.79
C VAL B 351 25.63 -2.98 10.19
N ALA B 352 24.49 -2.70 10.84
CA ALA B 352 24.13 -1.34 11.27
C ALA B 352 24.95 -0.82 12.45
N GLY B 353 25.84 -1.64 13.04
CA GLY B 353 26.64 -1.17 14.17
C GLY B 353 25.81 -1.05 15.43
N CYS B 354 24.65 -1.71 15.46
CA CYS B 354 23.74 -1.64 16.62
C CYS B 354 23.76 -2.84 17.56
N ASP B 355 24.76 -3.71 17.43
CA ASP B 355 24.77 -4.97 18.17
C ASP B 355 25.28 -4.87 19.61
N GLN B 356 25.58 -3.66 20.06
CA GLN B 356 25.89 -3.39 21.46
C GLN B 356 24.63 -2.99 22.24
N ALA B 357 23.55 -2.73 21.49
CA ALA B 357 22.26 -2.31 22.07
C ALA B 357 21.57 -3.47 22.81
N ALA B 358 20.69 -3.15 23.75
CA ALA B 358 19.85 -4.13 24.42
C ALA B 358 18.68 -4.50 23.48
N VAL B 359 18.45 -5.79 23.30
CA VAL B 359 17.51 -6.31 22.29
C VAL B 359 16.30 -6.93 22.99
N TYR B 360 15.11 -6.55 22.55
CA TYR B 360 13.87 -7.21 23.02
C TYR B 360 13.16 -7.81 21.79
N ALA B 361 12.58 -9.01 21.94
CA ALA B 361 11.78 -9.65 20.88
C ALA B 361 10.36 -9.97 21.41
N PRO B 362 9.44 -9.00 21.26
CA PRO B 362 8.11 -9.10 21.88
C PRO B 362 7.23 -10.19 21.28
N LYS B 363 7.61 -10.75 20.14
CA LYS B 363 6.80 -11.84 19.60
C LYS B 363 6.96 -13.05 20.52
N SER B 364 7.97 -13.01 21.40
CA SER B 364 8.12 -14.08 22.39
C SER B 364 6.87 -14.22 23.31
N ALA B 365 6.20 -13.09 23.55
CA ALA B 365 5.04 -13.03 24.44
C ALA B 365 3.73 -12.79 23.68
N LEU B 366 3.79 -11.94 22.64
CA LEU B 366 2.58 -11.51 21.92
C LEU B 366 2.31 -12.26 20.62
N GLY B 367 3.30 -13.03 20.16
CA GLY B 367 3.14 -13.72 18.88
C GLY B 367 3.16 -12.72 17.72
N HIS B 368 2.82 -13.22 16.53
CA HIS B 368 3.03 -12.52 15.28
C HIS B 368 1.66 -12.10 14.76
N SER B 369 1.40 -10.79 14.65
CA SER B 369 0.15 -10.23 14.14
C SER B 369 0.30 -9.66 12.72
N ILE B 370 1.29 -10.16 11.97
CA ILE B 370 1.38 -10.00 10.52
C ILE B 370 1.34 -8.51 10.16
N GLY B 371 0.32 -8.05 9.45
CA GLY B 371 0.24 -6.63 9.06
C GLY B 371 0.20 -5.62 10.18
N ALA B 372 -0.28 -6.03 11.36
CA ALA B 372 -0.34 -5.13 12.50
C ALA B 372 0.96 -5.07 13.29
N VAL B 373 1.80 -6.09 13.15
CA VAL B 373 2.77 -6.30 14.23
C VAL B 373 3.84 -5.20 14.31
N GLY B 374 4.25 -4.59 13.19
CA GLY B 374 5.26 -3.54 13.32
C GLY B 374 4.70 -2.30 14.01
N ALA B 375 3.40 -2.08 13.91
CA ALA B 375 2.77 -0.95 14.60
C ALA B 375 2.75 -1.25 16.08
N LEU B 376 2.31 -2.46 16.45
CA LEU B 376 2.29 -2.84 17.86
C LEU B 376 3.69 -2.68 18.46
N GLU B 377 4.71 -3.19 17.76
CA GLU B 377 6.06 -3.14 18.32
C GLU B 377 6.60 -1.72 18.35
N SER B 378 6.16 -0.88 17.43
CA SER B 378 6.50 0.56 17.50
C SER B 378 5.90 1.17 18.76
N VAL B 379 4.66 0.80 19.08
CA VAL B 379 4.08 1.32 20.34
C VAL B 379 4.89 0.83 21.54
N LEU B 380 5.31 -0.44 21.52
CA LEU B 380 6.12 -0.94 22.63
C LEU B 380 7.45 -0.22 22.76
N THR B 381 8.06 0.12 21.62
CA THR B 381 9.31 0.91 21.63
C THR B 381 9.12 2.27 22.27
N VAL B 382 7.99 2.90 21.98
CA VAL B 382 7.63 4.17 22.57
C VAL B 382 7.52 4.03 24.09
N LEU B 383 6.86 2.95 24.54
CA LEU B 383 6.61 2.79 25.98
C LEU B 383 7.93 2.49 26.70
N THR B 384 8.81 1.69 26.09
CA THR B 384 10.14 1.48 26.65
C THR B 384 10.84 2.80 26.91
N LEU B 385 10.77 3.67 25.91
CA LEU B 385 11.46 4.96 26.00
C LEU B 385 10.80 5.83 27.09
N ARG B 386 9.47 5.81 27.10
CA ARG B 386 8.69 6.57 28.08
C ARG B 386 8.99 6.12 29.50
N ASP B 387 9.07 4.81 29.73
CA ASP B 387 9.12 4.35 31.10
C ASP B 387 10.53 3.96 31.54
N GLY B 388 11.50 3.96 30.63
CA GLY B 388 12.86 3.53 30.98
C GLY B 388 12.93 2.06 31.36
N VAL B 389 12.26 1.18 30.60
CA VAL B 389 12.32 -0.24 30.93
C VAL B 389 12.03 -1.08 29.69
N ILE B 390 12.72 -2.20 29.59
CA ILE B 390 12.50 -3.16 28.51
C ILE B 390 11.96 -4.47 29.10
N PRO B 391 10.82 -5.00 28.58
CA PRO B 391 10.32 -6.26 29.15
C PRO B 391 11.25 -7.45 28.83
N PRO B 392 11.15 -8.56 29.58
CA PRO B 392 11.98 -9.71 29.23
C PRO B 392 11.50 -10.38 27.94
N THR B 393 12.45 -10.85 27.13
CA THR B 393 12.15 -11.75 26.02
C THR B 393 11.85 -13.13 26.58
N LEU B 394 10.60 -13.60 26.46
CA LEU B 394 10.22 -14.87 27.07
C LEU B 394 10.95 -15.97 26.34
N ASN B 395 11.20 -17.05 27.08
CA ASN B 395 11.65 -18.34 26.50
C ASN B 395 13.07 -18.33 26.01
N TYR B 396 13.81 -17.31 26.42
CA TYR B 396 15.17 -17.15 25.95
C TYR B 396 16.07 -17.86 26.98
N GLU B 397 16.46 -19.10 26.67
CA GLU B 397 17.01 -20.01 27.67
C GLU B 397 18.41 -20.50 27.30
N THR B 398 18.65 -20.71 26.00
CA THR B 398 19.95 -21.16 25.51
C THR B 398 20.47 -20.19 24.45
N PRO B 399 21.45 -19.34 24.79
CA PRO B 399 21.97 -18.43 23.76
C PRO B 399 22.42 -19.20 22.51
N ASP B 400 22.24 -18.63 21.33
CA ASP B 400 22.62 -19.25 20.06
C ASP B 400 23.87 -18.52 19.57
N PRO B 401 25.01 -19.24 19.42
CA PRO B 401 26.27 -18.52 19.18
C PRO B 401 26.29 -17.72 17.87
N GLU B 402 25.41 -18.06 16.93
CA GLU B 402 25.27 -17.30 15.69
CA GLU B 402 25.30 -17.28 15.70
C GLU B 402 24.59 -15.95 15.94
N ILE B 403 23.91 -15.81 17.09
CA ILE B 403 23.13 -14.59 17.34
C ILE B 403 24.02 -13.54 17.99
N ASP B 404 24.59 -13.87 19.17
CA ASP B 404 25.53 -13.00 19.90
C ASP B 404 25.00 -11.57 20.12
N LEU B 405 23.78 -11.46 20.63
CA LEU B 405 23.14 -10.16 20.86
C LEU B 405 22.93 -10.09 22.36
N ASP B 406 22.85 -8.88 22.89
CA ASP B 406 22.40 -8.66 24.27
C ASP B 406 20.87 -8.75 24.39
N VAL B 407 20.34 -9.98 24.41
CA VAL B 407 18.90 -10.20 24.55
C VAL B 407 18.41 -9.98 25.98
N VAL B 408 17.50 -9.03 26.16
CA VAL B 408 16.93 -8.85 27.49
C VAL B 408 16.04 -10.03 27.87
N ALA B 409 16.27 -10.62 29.05
CA ALA B 409 15.59 -11.86 29.39
C ALA B 409 15.57 -12.00 30.90
N GLY B 410 14.67 -12.84 31.41
CA GLY B 410 14.64 -13.10 32.85
C GLY B 410 13.72 -12.12 33.56
N GLU B 411 14.16 -10.88 33.74
CA GLU B 411 13.38 -9.84 34.41
C GLU B 411 13.35 -8.64 33.48
N PRO B 412 12.39 -7.71 33.66
CA PRO B 412 12.53 -6.46 32.90
C PRO B 412 13.85 -5.78 33.21
N ARG B 413 14.43 -5.09 32.22
CA ARG B 413 15.64 -4.31 32.47
C ARG B 413 15.33 -2.82 32.49
N TYR B 414 15.60 -2.16 33.61
CA TYR B 414 15.48 -0.71 33.74
C TYR B 414 16.71 0.02 33.23
N GLY B 415 16.50 1.19 32.64
CA GLY B 415 17.62 1.90 32.04
C GLY B 415 17.20 3.28 31.58
N ASP B 416 18.21 4.12 31.36
CA ASP B 416 18.03 5.48 30.89
C ASP B 416 17.98 5.47 29.36
N TYR B 417 16.99 4.82 28.76
CA TYR B 417 16.99 4.63 27.31
C TYR B 417 16.63 5.95 26.60
N ARG B 418 17.47 6.33 25.64
CA ARG B 418 17.34 7.62 24.97
C ARG B 418 16.98 7.42 23.50
N TYR B 419 17.57 6.41 22.86
CA TYR B 419 17.37 6.17 21.43
C TYR B 419 17.15 4.69 21.17
N ALA B 420 16.17 4.39 20.31
CA ALA B 420 15.84 2.99 20.00
C ALA B 420 15.47 2.85 18.54
N VAL B 421 15.70 1.68 17.95
CA VAL B 421 15.26 1.40 16.57
C VAL B 421 14.33 0.22 16.62
N ASN B 422 13.17 0.34 15.98
CA ASN B 422 12.24 -0.76 15.86
C ASN B 422 12.36 -1.38 14.48
N ASN B 423 12.62 -2.69 14.40
CA ASN B 423 12.82 -3.34 13.11
C ASN B 423 11.54 -4.07 12.74
N SER B 424 11.27 -4.16 11.43
CA SER B 424 10.13 -4.93 10.89
CA SER B 424 10.18 -4.99 10.92
C SER B 424 10.52 -5.41 9.50
N PHE B 425 10.29 -6.68 9.17
CA PHE B 425 10.61 -7.17 7.82
C PHE B 425 9.39 -7.91 7.26
N GLY B 426 9.33 -8.08 5.95
CA GLY B 426 8.17 -8.75 5.37
C GLY B 426 8.48 -9.60 4.15
N PHE B 427 7.69 -10.66 3.97
CA PHE B 427 7.70 -11.44 2.70
C PHE B 427 7.71 -10.49 1.52
N GLY B 428 8.57 -10.79 0.57
CA GLY B 428 8.81 -9.90 -0.57
C GLY B 428 10.18 -9.29 -0.40
N GLY B 429 10.75 -9.33 0.82
CA GLY B 429 12.06 -8.74 1.07
C GLY B 429 12.06 -7.29 1.57
N HIS B 430 10.99 -6.88 2.24
CA HIS B 430 10.84 -5.48 2.69
C HIS B 430 11.49 -5.31 4.05
N ASN B 431 12.26 -4.23 4.19
CA ASN B 431 12.93 -3.89 5.46
C ASN B 431 12.47 -2.52 5.91
N VAL B 432 11.92 -2.41 7.11
CA VAL B 432 11.59 -1.07 7.65
C VAL B 432 12.19 -0.86 9.05
N ALA B 433 12.88 0.25 9.27
CA ALA B 433 13.39 0.56 10.60
C ALA B 433 12.89 1.96 10.97
N LEU B 434 12.46 2.12 12.22
CA LEU B 434 12.00 3.40 12.74
C LEU B 434 12.91 3.76 13.89
N ALA B 435 13.42 4.99 13.89
CA ALA B 435 14.25 5.47 14.99
C ALA B 435 13.37 6.35 15.88
N PHE B 436 13.32 6.04 17.19
CA PHE B 436 12.47 6.73 18.13
C PHE B 436 13.42 7.31 19.20
N GLY B 437 13.01 8.41 19.83
CA GLY B 437 13.78 9.00 20.92
C GLY B 437 12.95 9.28 22.16
N ARG B 438 13.60 9.31 23.32
CA ARG B 438 12.93 9.71 24.54
CA ARG B 438 12.88 9.68 24.52
C ARG B 438 12.54 11.17 24.38
N TYR B 439 11.35 11.53 24.85
CA TYR B 439 10.98 12.93 24.85
C TYR B 439 11.86 13.77 25.79
C1 EDO C . -27.03 8.76 -26.12
O1 EDO C . -26.67 8.10 -27.34
C2 EDO C . -28.51 8.54 -25.79
O2 EDO C . -28.68 7.80 -24.57
K K D . -6.20 10.56 -15.40
S1 TLM E . -13.20 7.08 -8.22
C1 TLM E . -13.57 5.74 -9.39
C2 TLM E . -15.00 5.56 -9.48
C3 TLM E . -15.70 6.38 -8.69
C4 TLM E . -14.99 7.49 -7.89
C5 TLM E . -15.33 7.44 -6.46
C6 TLM E . -14.70 8.02 -5.42
C7 TLM E . -15.11 7.72 -4.03
C8 TLM E . -14.64 8.40 -2.99
O1 TLM E . -12.75 5.14 -10.04
C9 TLM E . -15.60 4.50 -10.34
O2 TLM E . -17.02 6.31 -8.52
C10 TLM E . -15.26 8.80 -8.59
C11 TLM E . -13.50 8.90 -5.62
C M7U F . -10.50 -4.26 -16.33
O M7U F . -7.85 -15.18 -14.57
P M7U F . -9.32 -20.14 -15.69
C1 M7U F . -10.06 -4.46 -14.98
O1 M7U F . -9.00 -16.30 -12.99
C2 M7U F . -11.00 -5.35 -14.27
O2 M7U F . -11.91 -16.99 -12.59
C3 M7U F . -10.72 -5.28 -12.82
O3 M7U F . -10.66 -17.49 -10.83
C4 M7U F . -11.36 -6.36 -12.03
O4 M7U F . -9.85 -18.64 -15.51
C5 M7U F . -11.40 -6.01 -10.56
O5 M7U F . -7.94 -20.13 -16.33
C6 M7U F . -10.12 -6.21 -9.79
O6 M7U F . -9.35 -20.79 -14.26
C7 M7U F . -10.23 -7.20 -8.63
O7 M7U F . -10.39 -20.86 -16.53
C8 M7U F . -9.12 -8.25 -8.58
C9 M7U F . -9.12 -9.23 -9.74
C10 M7U F . -8.54 -10.58 -9.41
C11 M7U F . -9.04 -11.65 -10.33
C12 M7U F . -7.97 -12.46 -10.99
C13 M7U F . -8.55 -13.54 -11.85
C14 M7U F . -7.55 -14.58 -12.28
C15 M7U F . -8.11 -15.38 -13.41
C16 M7U F . -9.93 -16.79 -14.01
C17 M7U F . -10.99 -17.71 -13.44
C18 M7U F . -11.47 -16.79 -11.35
C19 M7U F . -12.11 -15.60 -10.72
C20 M7U F . -11.89 -15.65 -9.21
C21 M7U F . -12.29 -14.37 -8.57
C22 M7U F . -11.29 -13.88 -7.55
C23 M7U F . -11.93 -13.04 -6.46
C24 M7U F . -12.17 -11.61 -6.85
C25 M7U F . -13.00 -10.88 -5.84
C26 M7U F . -13.57 -9.61 -6.37
C27 M7U F . -14.40 -8.84 -5.35
C28 M7U F . -15.58 -9.68 -4.87
C29 M7U F . -14.87 -7.58 -6.03
C30 M7U F . -13.75 -6.61 -6.35
C31 M7U F . -13.06 -6.02 -5.10
C32 M7U F . -12.09 -4.93 -5.51
C33 M7U F . -11.53 -4.10 -4.38
C34 M7U F . -10.31 -3.28 -4.75
C35 M7U F . -10.52 -2.17 -5.77
C36 M7U F . -11.39 -0.99 -5.42
C37 M7U F . -9.09 -17.49 -15.06
N1 EPE G . -15.42 26.13 -22.16
C2 EPE G . -15.86 27.36 -21.50
C3 EPE G . -14.69 28.11 -20.94
N4 EPE G . -13.91 27.29 -20.00
C5 EPE G . -13.53 26.01 -20.63
C6 EPE G . -14.74 25.29 -21.18
C7 EPE G . -14.56 27.09 -18.70
C8 EPE G . -15.12 28.35 -18.07
O8 EPE G . -14.15 29.37 -17.98
C9 EPE G . -16.55 25.42 -22.77
C10 EPE G . -16.02 24.32 -23.67
S EPE G . -17.37 23.84 -24.73
O1S EPE G . -18.42 23.39 -23.83
O2S EPE G . -17.73 25.03 -25.49
O3S EPE G . -16.88 22.78 -25.58
K K H . 10.25 -5.00 16.21
S1 TLM I . 9.65 -11.64 7.93
C1 TLM I . 8.32 -12.54 8.83
C2 TLM I . 8.57 -13.99 8.83
C3 TLM I . 9.69 -14.29 8.12
C4 TLM I . 10.60 -13.20 7.57
C5 TLM I . 10.82 -13.35 6.10
C6 TLM I . 11.30 -12.44 5.20
C7 TLM I . 11.38 -12.74 3.78
C8 TLM I . 11.78 -11.98 2.80
O1 TLM I . 7.50 -11.96 9.49
C9 TLM I . 7.62 -14.94 9.48
O2 TLM I . 10.01 -15.50 7.72
C10 TLM I . 11.91 -13.11 8.36
C11 TLM I . 11.73 -11.06 5.64
C M7U J . -2.63 -12.96 14.04
O M7U J . -13.53 -14.19 11.88
P M7U J . -18.37 -16.60 12.14
C1 M7U J . -3.14 -13.81 12.91
O1 M7U J . -14.70 -15.09 10.18
C2 M7U J . -3.13 -13.15 11.57
O2 M7U J . -13.94 -17.77 9.01
C3 M7U J . -3.56 -14.10 10.51
O3 M7U J . -14.72 -16.58 7.30
C4 M7U J . -4.33 -13.50 9.40
O4 M7U J . -16.88 -16.99 11.68
C5 M7U J . -3.49 -13.35 8.17
O5 M7U J . -18.57 -15.09 12.44
C6 M7U J . -4.00 -12.32 7.20
O6 M7U J . -19.27 -17.10 10.97
C7 M7U J . -5.32 -12.71 6.55
O7 M7U J . -18.67 -17.49 13.35
C8 M7U J . -6.49 -11.91 7.05
C9 M7U J . -7.83 -12.55 6.79
C10 M7U J . -8.97 -11.91 7.56
C11 M7U J . -10.03 -12.92 7.95
C12 M7U J . -11.20 -12.38 8.71
C13 M7U J . -11.99 -13.50 9.31
C14 M7U J . -13.43 -13.16 9.72
C15 M7U J . -13.89 -14.16 10.73
C16 M7U J . -14.72 -16.40 10.83
C17 M7U J . -15.10 -17.47 9.83
C18 M7U J . -13.80 -17.08 7.89
C19 M7U J . -12.38 -16.98 7.40
C20 M7U J . -12.43 -16.55 5.94
C21 M7U J . -11.13 -16.74 5.20
C22 M7U J . -10.69 -15.47 4.51
C23 M7U J . -9.60 -15.69 3.50
C24 M7U J . -8.22 -15.61 4.09
C25 M7U J . -7.20 -16.06 3.09
C26 M7U J . -5.88 -16.44 3.72
C27 M7U J . -4.80 -16.80 2.73
C28 M7U J . -5.15 -18.05 1.91
C29 M7U J . -3.52 -16.99 3.52
C30 M7U J . -3.07 -15.70 4.17
C31 M7U J . -2.57 -14.67 3.16
C32 M7U J . -1.86 -13.52 3.84
C33 M7U J . -1.17 -12.61 2.89
C34 M7U J . -0.77 -11.29 3.53
C35 M7U J . 0.29 -11.36 4.61
C36 M7U J . 1.67 -11.80 4.20
C37 M7U J . -15.63 -16.36 12.03
#